data_3O2Q
#
_entry.id   3O2Q
#
_cell.length_a   67.045
_cell.length_b   97.581
_cell.length_c   105.008
_cell.angle_alpha   90.00
_cell.angle_beta   98.66
_cell.angle_gamma   90.00
#
_symmetry.space_group_name_H-M   'P 1 21 1'
#
loop_
_entity.id
_entity.type
_entity.pdbx_description
1 polymer Symplekin
2 polymer 'RNA polymerase II subunit A C-terminal domain phosphatase SSU72'
3 polymer 'RNA polymerase II CTD Serine-5 phosphopeptide'
4 non-polymer 'PHOSPHATE ION'
5 water water
#
loop_
_entity_poly.entity_id
_entity_poly.type
_entity_poly.pdbx_seq_one_letter_code
_entity_poly.pdbx_strand_id
1 'polypeptide(L)'
;MGSSHHHHHHSSGLVPRGSHMTTSERVVDLLNQAALITNDSKITVLKQVQELIINKDPTLLDNFLDEIIAFQADKSIEVR
KFVIGFIEEACKRDIELLLKLIANLNMLLRDENVNVVKKAILTMTQLYKVALQWMVKSRVISELQEACWDMVSAMAGDII
LLLDSDNDGIRTHAIKFVEGLIVTLSPRMADSEIPRRQEHDISLDRIPRDHPYIQYNVLWEEGKAALEQLLKFMVHPAIS
SINLTTALGSLANIARQRPMFMSEVIQAYETLHANLPPTLAKSQVSSVRKNLKLHLLSVLKHPASLEFQAQITTLLVDLG
TPQAEIARNMPSSKDTRKRPRDDSDSTLKKM
;
A,D
2 'polypeptide(L)'
;MGSSHHHHHHSSGLVPRGSHMPSSPLRVAVVSSSNQNRSMEAHNILSKRGFSVRSFGTGTHVKLPGPAPDKPNVYDFKTT
YDQMYNDLLRKDKELYTQNGILHMLDRNKRIKPRPERFQNCKDLFDLILTCEERVYDQVVEDLNSREQETCQPVHVVNVD
IQDNHEEATLGAFLICELCQCIQHTEDMENEIDELLQEFEEKSGRTFLHTVCFY
;
B,E
3 'polypeptide(L)' PT(SEP)PSY F
#
# COMPACT_ATOMS: atom_id res chain seq x y z
N VAL A 15 36.67 19.55 -42.72
CA VAL A 15 36.25 18.54 -43.72
C VAL A 15 37.08 18.78 -44.99
N PRO A 16 37.95 17.84 -45.37
CA PRO A 16 38.79 18.05 -46.57
C PRO A 16 37.97 18.28 -47.86
N ARG A 17 38.41 19.26 -48.64
CA ARG A 17 37.69 19.85 -49.77
C ARG A 17 36.25 20.27 -49.49
N GLY A 18 35.95 20.53 -48.22
CA GLY A 18 34.64 21.01 -47.75
C GLY A 18 34.18 22.32 -48.38
N SER A 19 35.14 23.14 -48.81
CA SER A 19 34.84 24.42 -49.41
C SER A 19 34.46 24.27 -50.88
N HIS A 20 34.79 23.12 -51.49
CA HIS A 20 34.40 22.81 -52.85
C HIS A 20 33.02 22.11 -52.96
N MET A 21 32.43 21.74 -51.83
CA MET A 21 31.16 21.01 -51.83
C MET A 21 29.91 21.92 -51.87
N THR A 22 28.81 21.42 -52.44
CA THR A 22 27.52 22.02 -52.15
C THR A 22 27.01 21.36 -50.89
N THR A 23 26.26 22.09 -50.10
CA THR A 23 25.76 21.56 -48.83
C THR A 23 24.84 20.35 -49.01
N SER A 24 24.16 20.33 -50.12
CA SER A 24 23.22 19.27 -50.45
C SER A 24 23.96 17.99 -50.87
N GLU A 25 25.13 18.14 -51.45
CA GLU A 25 26.00 17.00 -51.66
C GLU A 25 26.54 16.44 -50.36
N ARG A 26 27.05 17.33 -49.53
CA ARG A 26 27.50 16.93 -48.23
C ARG A 26 26.37 16.18 -47.48
N VAL A 27 25.15 16.70 -47.58
CA VAL A 27 24.09 16.11 -46.81
C VAL A 27 23.75 14.70 -47.32
N VAL A 28 23.74 14.53 -48.64
CA VAL A 28 23.46 13.21 -49.22
C VAL A 28 24.54 12.23 -48.82
N ASP A 29 25.80 12.62 -48.98
CA ASP A 29 26.94 11.80 -48.56
C ASP A 29 26.74 11.36 -47.12
N LEU A 30 26.40 12.30 -46.24
CA LEU A 30 26.31 11.96 -44.83
C LEU A 30 25.12 11.06 -44.53
N LEU A 31 24.00 11.28 -45.21
CA LEU A 31 22.87 10.39 -45.05
C LEU A 31 23.24 8.94 -45.46
N ASN A 32 23.90 8.79 -46.61
CA ASN A 32 24.28 7.46 -47.05
C ASN A 32 25.28 6.85 -46.10
N GLN A 33 26.24 7.65 -45.60
CA GLN A 33 27.15 7.17 -44.57
C GLN A 33 26.40 6.70 -43.33
N ALA A 34 25.42 7.47 -42.86
CA ALA A 34 24.68 7.06 -41.66
C ALA A 34 23.96 5.74 -41.89
N ALA A 35 23.49 5.50 -43.11
CA ALA A 35 22.81 4.25 -43.45
C ALA A 35 23.76 3.08 -43.33
N LEU A 36 25.04 3.31 -43.56
CA LEU A 36 26.03 2.23 -43.55
C LEU A 36 26.39 1.79 -42.14
N ILE A 37 26.16 2.66 -41.17
CA ILE A 37 26.61 2.46 -39.79
C ILE A 37 25.53 1.74 -38.99
N THR A 38 25.89 0.63 -38.34
CA THR A 38 24.93 -0.22 -37.65
C THR A 38 24.98 -0.05 -36.11
N ASN A 39 25.54 1.04 -35.63
CA ASN A 39 25.50 1.26 -34.18
C ASN A 39 25.16 2.73 -33.89
N ASP A 40 25.14 3.12 -32.63
CA ASP A 40 24.77 4.47 -32.25
C ASP A 40 25.69 5.60 -32.66
N SER A 41 26.89 5.28 -33.16
CA SER A 41 27.76 6.35 -33.67
C SER A 41 27.15 7.07 -34.90
N LYS A 42 26.14 6.45 -35.51
CA LYS A 42 25.40 7.05 -36.62
C LYS A 42 24.74 8.36 -36.17
N ILE A 43 24.49 8.53 -34.86
CA ILE A 43 23.87 9.74 -34.39
C ILE A 43 24.79 10.93 -34.56
N THR A 44 26.08 10.70 -34.33
CA THR A 44 27.06 11.75 -34.63
C THR A 44 26.90 12.25 -36.07
N VAL A 45 26.76 11.32 -37.01
CA VAL A 45 26.63 11.67 -38.41
C VAL A 45 25.33 12.46 -38.60
N LEU A 46 24.27 11.99 -37.94
CA LEU A 46 22.95 12.54 -38.21
C LEU A 46 22.85 13.91 -37.61
N LYS A 47 23.59 14.15 -36.53
CA LYS A 47 23.70 15.48 -35.94
C LYS A 47 24.44 16.48 -36.84
N GLN A 48 25.43 16.01 -37.61
CA GLN A 48 26.08 16.88 -38.59
C GLN A 48 25.05 17.27 -39.66
N VAL A 49 24.24 16.32 -40.09
CA VAL A 49 23.23 16.58 -41.10
C VAL A 49 22.26 17.66 -40.55
N GLN A 50 21.85 17.50 -39.29
CA GLN A 50 20.96 18.44 -38.63
C GLN A 50 21.51 19.85 -38.64
N GLU A 51 22.76 19.98 -38.25
CA GLU A 51 23.41 21.26 -38.22
C GLU A 51 23.35 21.88 -39.61
N LEU A 52 23.62 21.04 -40.63
CA LEU A 52 23.68 21.55 -42.00
C LEU A 52 22.36 22.11 -42.53
N ILE A 53 21.27 21.36 -42.35
CA ILE A 53 19.99 21.72 -42.96
C ILE A 53 19.08 22.55 -42.06
N ILE A 54 19.49 22.77 -40.81
CA ILE A 54 18.72 23.63 -39.95
C ILE A 54 19.39 24.97 -39.78
N ASN A 55 20.74 24.96 -39.72
CA ASN A 55 21.47 26.17 -39.46
C ASN A 55 22.27 26.71 -40.62
N LYS A 56 23.02 25.85 -41.28
CA LYS A 56 23.85 26.32 -42.37
C LYS A 56 23.02 26.77 -43.58
N ASP A 57 22.09 25.93 -44.04
CA ASP A 57 21.25 26.26 -45.20
C ASP A 57 19.81 25.75 -44.99
N PRO A 58 19.00 26.52 -44.25
CA PRO A 58 17.64 26.07 -43.94
C PRO A 58 16.74 25.93 -45.16
N THR A 59 17.11 26.47 -46.32
CA THR A 59 16.32 26.22 -47.55
C THR A 59 16.33 24.73 -47.95
N LEU A 60 17.18 23.92 -47.30
CA LEU A 60 17.30 22.47 -47.61
C LEU A 60 16.52 21.56 -46.65
N LEU A 61 15.94 22.19 -45.64
CA LEU A 61 15.10 21.50 -44.66
C LEU A 61 13.99 20.61 -45.26
N ASP A 62 13.09 21.17 -46.07
CA ASP A 62 11.96 20.40 -46.63
C ASP A 62 12.45 19.24 -47.47
N ASN A 63 13.33 19.57 -48.40
CA ASN A 63 14.04 18.63 -49.23
C ASN A 63 14.40 17.31 -48.55
N PHE A 64 15.06 17.41 -47.40
CA PHE A 64 15.65 16.28 -46.73
C PHE A 64 14.90 15.73 -45.52
N LEU A 65 13.83 16.42 -45.14
CA LEU A 65 13.00 16.01 -44.05
C LEU A 65 12.69 14.51 -43.98
N ASP A 66 12.12 13.95 -45.04
CA ASP A 66 11.75 12.52 -45.04
C ASP A 66 12.90 11.59 -44.74
N GLU A 67 14.08 11.90 -45.27
CA GLU A 67 15.26 11.08 -45.06
C GLU A 67 15.68 11.01 -43.60
N ILE A 68 15.46 12.08 -42.83
CA ILE A 68 15.76 12.05 -41.40
C ILE A 68 14.63 11.39 -40.63
N ILE A 69 13.40 11.81 -40.92
CA ILE A 69 12.24 11.22 -40.27
C ILE A 69 12.15 9.71 -40.48
N ALA A 70 12.74 9.19 -41.54
CA ALA A 70 12.74 7.74 -41.75
C ALA A 70 13.43 6.99 -40.61
N PHE A 71 14.34 7.64 -39.91
CA PHE A 71 15.07 7.00 -38.82
C PHE A 71 14.20 6.83 -37.58
N GLN A 72 12.98 7.37 -37.61
CA GLN A 72 12.05 7.22 -36.50
C GLN A 72 11.70 5.77 -36.24
N ALA A 73 11.97 4.91 -37.22
CA ALA A 73 11.75 3.48 -37.07
C ALA A 73 13.04 2.70 -36.82
N ASP A 74 14.10 3.38 -36.40
CA ASP A 74 15.31 2.68 -36.00
C ASP A 74 15.03 1.91 -34.69
N LYS A 75 15.76 0.80 -34.50
CA LYS A 75 15.63 -0.02 -33.30
C LYS A 75 16.35 0.62 -32.15
N SER A 76 17.23 1.57 -32.42
CA SER A 76 17.95 2.18 -31.32
C SER A 76 17.11 3.25 -30.63
N ILE A 77 17.13 3.22 -29.29
CA ILE A 77 16.42 4.18 -28.42
C ILE A 77 16.95 5.55 -28.69
N GLU A 78 18.27 5.62 -28.80
CA GLU A 78 18.92 6.88 -28.90
C GLU A 78 18.63 7.46 -30.26
N VAL A 79 18.56 6.61 -31.28
CA VAL A 79 18.24 7.10 -32.60
C VAL A 79 16.86 7.74 -32.61
N ARG A 80 15.89 7.08 -32.01
CA ARG A 80 14.55 7.66 -31.93
C ARG A 80 14.52 8.94 -31.11
N LYS A 81 15.26 9.01 -30.00
CA LYS A 81 15.39 10.24 -29.26
C LYS A 81 16.02 11.34 -30.11
N PHE A 82 17.03 11.02 -30.92
CA PHE A 82 17.60 12.02 -31.81
C PHE A 82 16.54 12.53 -32.81
N VAL A 83 15.67 11.63 -33.30
CA VAL A 83 14.68 12.08 -34.25
C VAL A 83 13.74 13.11 -33.61
N ILE A 84 13.34 12.88 -32.35
CA ILE A 84 12.44 13.80 -31.66
C ILE A 84 13.13 15.14 -31.53
N GLY A 85 14.41 15.11 -31.15
CA GLY A 85 15.23 16.34 -30.99
C GLY A 85 15.26 17.15 -32.30
N PHE A 86 15.37 16.43 -33.41
CA PHE A 86 15.43 17.02 -34.72
C PHE A 86 14.10 17.67 -35.06
N ILE A 87 13.01 16.97 -34.75
CA ILE A 87 11.67 17.56 -34.97
C ILE A 87 11.52 18.90 -34.20
N GLU A 88 11.91 18.93 -32.93
CA GLU A 88 11.93 20.17 -32.18
C GLU A 88 12.69 21.28 -32.89
N GLU A 89 13.93 21.01 -33.27
CA GLU A 89 14.72 22.08 -33.88
C GLU A 89 14.16 22.47 -35.25
N ALA A 90 13.66 21.51 -36.00
CA ALA A 90 13.12 21.79 -37.32
C ALA A 90 11.90 22.74 -37.22
N CYS A 91 11.01 22.47 -36.26
CA CYS A 91 9.81 23.30 -36.04
C CYS A 91 10.17 24.66 -35.47
N LYS A 92 11.22 24.70 -34.65
CA LYS A 92 11.72 25.98 -34.19
C LYS A 92 12.22 26.81 -35.37
N ARG A 93 12.89 26.21 -36.34
CA ARG A 93 13.39 26.96 -37.48
C ARG A 93 12.25 27.40 -38.40
N ASP A 94 11.29 26.52 -38.62
CA ASP A 94 10.14 26.75 -39.51
C ASP A 94 8.89 26.01 -39.01
N ILE A 95 8.09 26.72 -38.22
CA ILE A 95 6.95 26.15 -37.51
C ILE A 95 5.92 25.47 -38.44
N GLU A 96 5.84 25.89 -39.70
CA GLU A 96 4.91 25.27 -40.67
C GLU A 96 5.15 23.79 -40.90
N LEU A 97 6.36 23.32 -40.58
CA LEU A 97 6.65 21.90 -40.66
C LEU A 97 5.80 21.06 -39.69
N LEU A 98 5.28 21.69 -38.64
CA LEU A 98 4.34 21.01 -37.75
C LEU A 98 3.17 20.38 -38.51
N LEU A 99 2.72 21.03 -39.58
CA LEU A 99 1.74 20.43 -40.50
C LEU A 99 2.08 18.99 -40.89
N LYS A 100 3.33 18.71 -41.21
CA LYS A 100 3.64 17.32 -41.54
C LYS A 100 4.45 16.57 -40.51
N LEU A 101 4.65 17.14 -39.33
CA LEU A 101 5.43 16.44 -38.29
C LEU A 101 4.65 16.17 -36.98
N ILE A 102 3.51 16.84 -36.78
CA ILE A 102 2.69 16.57 -35.58
C ILE A 102 2.24 15.08 -35.43
N ALA A 103 1.96 14.42 -36.57
CA ALA A 103 1.64 13.02 -36.55
C ALA A 103 2.85 12.18 -36.10
N ASN A 104 4.03 12.48 -36.61
CA ASN A 104 5.20 11.71 -36.24
C ASN A 104 5.47 11.83 -34.75
N LEU A 105 5.29 13.03 -34.24
CA LEU A 105 5.61 13.35 -32.88
C LEU A 105 4.61 12.64 -32.00
N ASN A 106 3.34 12.67 -32.36
CA ASN A 106 2.33 12.01 -31.52
C ASN A 106 2.59 10.49 -31.53
N MET A 107 3.07 9.95 -32.64
CA MET A 107 3.29 8.52 -32.60
C MET A 107 4.50 8.18 -31.74
N LEU A 108 5.51 9.04 -31.78
CA LEU A 108 6.65 8.91 -30.85
C LEU A 108 6.26 9.07 -29.37
N LEU A 109 5.28 9.92 -29.08
CA LEU A 109 4.72 9.99 -27.74
C LEU A 109 4.17 8.63 -27.28
N ARG A 110 3.86 7.73 -28.22
CA ARG A 110 3.26 6.43 -27.88
C ARG A 110 4.23 5.28 -28.13
N ASP A 111 5.51 5.61 -28.24
CA ASP A 111 6.59 4.62 -28.35
C ASP A 111 6.60 3.63 -27.18
N GLU A 112 7.08 2.42 -27.43
CA GLU A 112 7.06 1.35 -26.44
C GLU A 112 8.10 1.59 -25.33
N ASN A 113 9.10 2.40 -25.62
CA ASN A 113 10.15 2.65 -24.66
C ASN A 113 9.91 3.98 -23.96
N VAL A 114 9.92 3.94 -22.62
CA VAL A 114 9.55 5.09 -21.80
C VAL A 114 10.45 6.29 -21.99
N ASN A 115 11.72 6.04 -22.31
CA ASN A 115 12.73 7.10 -22.49
C ASN A 115 12.41 7.95 -23.72
N VAL A 116 11.91 7.29 -24.77
CA VAL A 116 11.46 7.95 -25.98
C VAL A 116 10.18 8.72 -25.71
N VAL A 117 9.22 8.12 -25.02
CA VAL A 117 8.04 8.86 -24.53
C VAL A 117 8.43 10.11 -23.71
N LYS A 118 9.33 9.97 -22.74
CA LYS A 118 9.68 11.12 -21.90
C LYS A 118 10.32 12.27 -22.69
N LYS A 119 11.10 11.89 -23.69
CA LYS A 119 11.73 12.84 -24.58
C LYS A 119 10.69 13.59 -25.44
N ALA A 120 9.70 12.88 -25.98
CA ALA A 120 8.61 13.52 -26.70
C ALA A 120 7.85 14.51 -25.84
N ILE A 121 7.66 14.19 -24.54
CA ILE A 121 6.98 15.12 -23.61
C ILE A 121 7.77 16.42 -23.45
N LEU A 122 9.10 16.31 -23.34
CA LEU A 122 9.92 17.51 -23.18
C LEU A 122 9.94 18.39 -24.42
N THR A 123 9.82 17.72 -25.55
CA THR A 123 9.75 18.40 -26.82
C THR A 123 8.43 19.16 -26.99
N MET A 124 7.33 18.54 -26.57
CA MET A 124 6.05 19.21 -26.54
C MET A 124 6.00 20.34 -25.54
N THR A 125 6.74 20.21 -24.45
CA THR A 125 6.87 21.31 -23.53
C THR A 125 7.50 22.51 -24.25
N GLN A 126 8.38 22.25 -25.21
CA GLN A 126 8.92 23.36 -26.04
C GLN A 126 8.00 23.82 -27.18
N LEU A 127 7.26 22.90 -27.80
CA LEU A 127 6.60 23.21 -29.05
C LEU A 127 5.17 23.71 -28.91
N TYR A 128 4.48 23.39 -27.82
CA TYR A 128 3.11 23.81 -27.70
C TYR A 128 3.07 25.34 -27.76
N LYS A 129 3.98 25.97 -27.04
CA LYS A 129 3.97 27.43 -26.99
C LYS A 129 4.47 28.08 -28.32
N VAL A 130 5.35 27.42 -29.05
CA VAL A 130 5.73 27.90 -30.39
C VAL A 130 4.58 27.78 -31.40
N ALA A 131 3.84 26.69 -31.37
CA ALA A 131 2.67 26.55 -32.26
C ALA A 131 1.55 27.55 -31.92
N LEU A 132 1.32 27.78 -30.64
CA LEU A 132 0.30 28.70 -30.25
C LEU A 132 0.68 30.11 -30.76
N GLN A 133 1.96 30.50 -30.64
CA GLN A 133 2.39 31.78 -31.20
C GLN A 133 2.17 31.85 -32.73
N TRP A 134 2.55 30.79 -33.41
CA TRP A 134 2.23 30.64 -34.81
C TRP A 134 0.74 30.93 -35.06
N MET A 135 -0.15 30.32 -34.27
CA MET A 135 -1.58 30.48 -34.50
C MET A 135 -2.00 31.92 -34.31
N VAL A 136 -1.47 32.53 -33.26
CA VAL A 136 -1.80 33.89 -32.87
C VAL A 136 -1.24 34.92 -33.84
N LYS A 137 -0.08 34.67 -34.43
CA LYS A 137 0.55 35.64 -35.35
C LYS A 137 -0.05 35.59 -36.75
N SER A 138 -0.63 34.44 -37.08
CA SER A 138 -1.26 34.25 -38.37
C SER A 138 -2.50 35.14 -38.54
N ARG A 139 -2.52 35.75 -39.71
CA ARG A 139 -3.58 36.60 -40.22
C ARG A 139 -4.68 35.73 -40.87
N VAL A 140 -4.25 34.78 -41.68
CA VAL A 140 -5.19 33.81 -42.18
C VAL A 140 -4.74 32.38 -41.98
N ILE A 141 -5.70 31.50 -41.78
CA ILE A 141 -5.46 30.16 -41.31
C ILE A 141 -6.15 29.14 -42.16
N SER A 142 -5.39 28.24 -42.75
CA SER A 142 -5.94 27.16 -43.53
C SER A 142 -6.68 26.12 -42.73
N GLU A 143 -7.49 25.33 -43.38
CA GLU A 143 -8.15 24.22 -42.68
C GLU A 143 -7.10 23.27 -42.12
N LEU A 144 -6.01 23.11 -42.87
CA LEU A 144 -4.89 22.30 -42.50
C LEU A 144 -4.17 22.84 -41.25
N GLN A 145 -3.96 24.16 -41.23
CA GLN A 145 -3.45 24.81 -40.05
C GLN A 145 -4.41 24.70 -38.85
N GLU A 146 -5.72 24.84 -39.06
CA GLU A 146 -6.67 24.61 -37.97
C GLU A 146 -6.56 23.16 -37.42
N ALA A 147 -6.47 22.20 -38.33
CA ALA A 147 -6.41 20.79 -37.94
C ALA A 147 -5.10 20.50 -37.21
N CYS A 148 -4.03 21.20 -37.60
CA CYS A 148 -2.76 21.04 -36.92
C CYS A 148 -2.86 21.55 -35.47
N TRP A 149 -3.46 22.71 -35.27
CA TRP A 149 -3.70 23.21 -33.92
C TRP A 149 -4.56 22.22 -33.15
N ASP A 150 -5.58 21.64 -33.76
CA ASP A 150 -6.39 20.61 -33.05
C ASP A 150 -5.57 19.39 -32.56
N MET A 151 -4.60 18.96 -33.37
CA MET A 151 -3.67 17.89 -33.09
C MET A 151 -2.70 18.20 -31.92
N VAL A 152 -2.08 19.37 -31.99
CA VAL A 152 -1.25 19.90 -30.96
C VAL A 152 -2.05 19.94 -29.66
N SER A 153 -3.21 20.55 -29.72
CA SER A 153 -4.08 20.72 -28.57
C SER A 153 -4.57 19.39 -27.92
N ALA A 154 -4.95 18.42 -28.74
CA ALA A 154 -5.33 17.12 -28.20
C ALA A 154 -4.11 16.33 -27.67
N MET A 155 -2.94 16.56 -28.26
CA MET A 155 -1.69 15.99 -27.73
C MET A 155 -1.39 16.53 -26.34
N ALA A 156 -1.63 17.84 -26.13
CA ALA A 156 -1.53 18.46 -24.81
C ALA A 156 -2.44 17.75 -23.80
N GLY A 157 -3.70 17.57 -24.19
CA GLY A 157 -4.63 16.81 -23.36
C GLY A 157 -4.12 15.39 -23.09
N ASP A 158 -3.51 14.77 -24.07
CA ASP A 158 -2.96 13.41 -23.86
C ASP A 158 -1.84 13.43 -22.79
N ILE A 159 -0.99 14.45 -22.83
CA ILE A 159 0.05 14.56 -21.86
C ILE A 159 -0.56 14.83 -20.45
N ILE A 160 -1.53 15.72 -20.37
CA ILE A 160 -2.21 15.94 -19.10
C ILE A 160 -2.70 14.62 -18.55
N LEU A 161 -3.30 13.77 -19.39
CA LEU A 161 -3.81 12.46 -18.93
C LEU A 161 -2.71 11.49 -18.46
N LEU A 162 -1.49 11.68 -18.96
CA LEU A 162 -0.34 10.94 -18.46
C LEU A 162 0.01 11.21 -16.96
N LEU A 163 -0.62 12.21 -16.34
CA LEU A 163 -0.57 12.33 -14.89
C LEU A 163 -1.04 11.05 -14.22
N ASP A 164 -1.96 10.34 -14.86
CA ASP A 164 -2.44 9.05 -14.37
C ASP A 164 -1.72 7.85 -14.98
N SER A 165 -0.54 8.06 -15.58
CA SER A 165 0.28 6.88 -15.99
C SER A 165 0.71 5.99 -14.80
N ASP A 166 1.03 4.74 -15.07
CA ASP A 166 1.51 3.90 -14.00
C ASP A 166 3.07 3.95 -13.89
N ASN A 167 3.72 4.78 -14.71
CA ASN A 167 5.17 4.94 -14.70
C ASN A 167 5.60 6.28 -14.03
N ASP A 168 6.47 6.22 -13.01
CA ASP A 168 6.78 7.38 -12.17
C ASP A 168 7.50 8.46 -12.98
N GLY A 169 8.40 8.01 -13.84
CA GLY A 169 9.13 8.91 -14.69
C GLY A 169 8.25 9.57 -15.71
N ILE A 170 7.35 8.81 -16.35
CA ILE A 170 6.41 9.51 -17.23
C ILE A 170 5.56 10.55 -16.43
N ARG A 171 5.13 10.21 -15.21
CA ARG A 171 4.38 11.24 -14.38
C ARG A 171 5.17 12.55 -14.11
N THR A 172 6.42 12.42 -13.67
CA THR A 172 7.30 13.55 -13.56
C THR A 172 7.37 14.43 -14.81
N HIS A 173 7.48 13.83 -15.98
CA HIS A 173 7.58 14.62 -17.21
C HIS A 173 6.25 15.30 -17.55
N ALA A 174 5.16 14.58 -17.35
CA ALA A 174 3.83 15.17 -17.52
C ALA A 174 3.68 16.41 -16.64
N ILE A 175 4.14 16.33 -15.38
CA ILE A 175 4.02 17.49 -14.46
C ILE A 175 4.75 18.70 -15.04
N LYS A 176 5.93 18.50 -15.60
CA LYS A 176 6.67 19.63 -16.19
C LYS A 176 5.95 20.14 -17.41
N PHE A 177 5.26 19.27 -18.15
CA PHE A 177 4.54 19.80 -19.31
C PHE A 177 3.33 20.66 -18.83
N VAL A 178 2.60 20.15 -17.84
CA VAL A 178 1.45 20.86 -17.25
C VAL A 178 1.85 22.20 -16.66
N GLU A 179 3.01 22.23 -16.00
CA GLU A 179 3.55 23.48 -15.48
C GLU A 179 3.67 24.48 -16.61
N GLY A 180 4.35 24.08 -17.69
CA GLY A 180 4.57 24.96 -18.83
C GLY A 180 3.26 25.43 -19.44
N LEU A 181 2.32 24.53 -19.59
CA LEU A 181 1.04 24.89 -20.13
C LEU A 181 0.30 25.96 -19.27
N ILE A 182 0.32 25.82 -17.95
CA ILE A 182 -0.38 26.75 -17.06
C ILE A 182 0.21 28.15 -17.22
N VAL A 183 1.52 28.23 -17.33
CA VAL A 183 2.21 29.50 -17.50
C VAL A 183 1.87 30.11 -18.87
N THR A 184 2.02 29.34 -19.94
CA THR A 184 1.63 29.80 -21.25
C THR A 184 0.19 30.31 -21.25
N LEU A 185 -0.71 29.57 -20.62
CA LEU A 185 -2.11 29.94 -20.74
C LEU A 185 -2.62 30.91 -19.69
N SER A 186 -1.76 31.75 -19.12
CA SER A 186 -2.21 32.77 -18.18
C SER A 186 -1.42 34.05 -18.43
N PRO A 187 -1.95 35.20 -17.99
CA PRO A 187 -1.26 36.46 -18.34
C PRO A 187 -0.02 36.77 -17.48
N ARG A 188 1.04 37.29 -18.12
CA ARG A 188 2.14 37.94 -17.38
C ARG A 188 1.57 39.14 -16.67
N MET A 189 2.03 39.45 -15.46
CA MET A 189 1.59 40.64 -14.73
C MET A 189 2.79 41.42 -14.19
N ALA A 190 2.51 42.58 -13.57
CA ALA A 190 3.53 43.48 -13.06
C ALA A 190 4.52 42.82 -12.13
N ASP A 191 4.05 41.87 -11.33
CA ASP A 191 4.92 41.19 -10.39
C ASP A 191 5.49 39.83 -10.88
N SER A 192 5.24 39.44 -12.13
CA SER A 192 5.83 38.19 -12.67
C SER A 192 7.38 38.22 -12.70
N GLU A 193 8.03 37.19 -12.16
CA GLU A 193 9.46 37.00 -12.38
C GLU A 193 9.60 36.14 -13.63
N ILE A 194 10.16 36.68 -14.71
CA ILE A 194 10.26 35.98 -15.98
C ILE A 194 11.69 35.54 -16.25
N PRO A 195 11.93 34.24 -16.39
CA PRO A 195 13.27 33.80 -16.79
C PRO A 195 13.68 34.47 -18.11
N ARG A 196 14.94 34.88 -18.19
CA ARG A 196 15.47 35.56 -19.39
C ARG A 196 15.28 34.77 -20.66
N ARG A 197 15.50 33.46 -20.58
CA ARG A 197 15.26 32.56 -21.72
C ARG A 197 13.87 32.68 -22.30
N GLN A 198 12.93 33.16 -21.49
CA GLN A 198 11.51 33.03 -21.79
C GLN A 198 10.85 34.38 -22.02
N GLU A 199 11.68 35.41 -22.09
CA GLU A 199 11.23 36.78 -22.31
C GLU A 199 10.29 36.92 -23.51
N HIS A 200 10.55 36.18 -24.56
CA HIS A 200 9.76 36.35 -25.75
C HIS A 200 8.72 35.24 -25.96
N ASP A 201 8.50 34.41 -24.95
CA ASP A 201 7.40 33.45 -24.97
C ASP A 201 6.02 34.10 -24.95
N ILE A 202 5.10 33.48 -25.68
CA ILE A 202 3.75 33.97 -25.72
C ILE A 202 3.12 33.67 -24.36
N SER A 203 2.17 34.49 -23.98
CA SER A 203 1.38 34.26 -22.80
C SER A 203 0.00 34.89 -23.08
N LEU A 204 -0.94 34.68 -22.17
CA LEU A 204 -2.34 35.03 -22.39
C LEU A 204 -2.60 36.49 -22.76
N ASP A 205 -1.97 37.38 -22.02
CA ASP A 205 -2.16 38.82 -22.18
C ASP A 205 -1.69 39.25 -23.59
N ARG A 206 -0.87 38.43 -24.21
CA ARG A 206 -0.31 38.73 -25.51
C ARG A 206 -1.30 38.41 -26.62
N ILE A 207 -2.37 37.69 -26.31
CA ILE A 207 -3.32 37.18 -27.33
C ILE A 207 -4.50 38.14 -27.52
N PRO A 208 -4.70 38.69 -28.75
CA PRO A 208 -5.81 39.64 -28.99
C PRO A 208 -7.20 39.08 -28.63
N ARG A 209 -7.95 39.82 -27.82
CA ARG A 209 -9.28 39.40 -27.36
C ARG A 209 -10.24 39.03 -28.50
N ASP A 210 -10.08 39.69 -29.64
CA ASP A 210 -10.95 39.46 -30.79
C ASP A 210 -10.30 38.61 -31.90
N HIS A 211 -9.35 37.77 -31.54
CA HIS A 211 -8.68 36.99 -32.56
C HIS A 211 -9.70 36.17 -33.36
N PRO A 212 -9.53 36.11 -34.68
CA PRO A 212 -10.44 35.37 -35.54
C PRO A 212 -10.59 33.89 -35.23
N TYR A 213 -9.52 33.21 -34.81
CA TYR A 213 -9.66 31.77 -34.54
C TYR A 213 -9.40 31.34 -33.11
N ILE A 214 -8.33 31.85 -32.49
CA ILE A 214 -7.98 31.48 -31.12
C ILE A 214 -8.82 32.25 -30.12
N GLN A 215 -9.54 31.53 -29.27
CA GLN A 215 -10.37 32.22 -28.29
C GLN A 215 -9.66 32.31 -26.93
N TYR A 216 -9.32 33.53 -26.58
CA TYR A 216 -8.82 33.95 -25.27
C TYR A 216 -9.47 33.25 -24.07
N ASN A 217 -10.80 33.24 -24.01
CA ASN A 217 -11.50 32.70 -22.84
C ASN A 217 -11.47 31.20 -22.79
N VAL A 218 -11.51 30.55 -23.94
CA VAL A 218 -11.27 29.11 -24.00
C VAL A 218 -9.91 28.81 -23.34
N LEU A 219 -8.82 29.38 -23.86
CA LEU A 219 -7.46 29.16 -23.33
C LEU A 219 -7.37 29.39 -21.81
N TRP A 220 -7.98 30.49 -21.38
CA TRP A 220 -8.03 30.83 -19.97
C TRP A 220 -8.65 29.67 -19.17
N GLU A 221 -9.79 29.16 -19.63
CA GLU A 221 -10.42 28.03 -18.94
C GLU A 221 -9.57 26.76 -19.00
N GLU A 222 -8.88 26.51 -20.12
CA GLU A 222 -7.97 25.35 -20.25
C GLU A 222 -6.76 25.40 -19.31
N GLY A 223 -6.24 26.61 -19.09
CA GLY A 223 -5.15 26.84 -18.15
C GLY A 223 -5.58 26.63 -16.71
N LYS A 224 -6.71 27.22 -16.32
CA LYS A 224 -7.27 26.96 -14.98
C LYS A 224 -7.56 25.48 -14.76
N ALA A 225 -8.12 24.82 -15.78
CA ALA A 225 -8.40 23.40 -15.67
C ALA A 225 -7.12 22.55 -15.63
N ALA A 226 -6.04 22.97 -16.31
CA ALA A 226 -4.73 22.31 -16.11
C ALA A 226 -4.20 22.51 -14.68
N LEU A 227 -4.37 23.71 -14.14
CA LEU A 227 -4.02 23.93 -12.73
C LEU A 227 -4.82 23.02 -11.79
N GLU A 228 -6.13 22.96 -11.96
CA GLU A 228 -6.97 22.23 -11.02
C GLU A 228 -6.59 20.73 -11.07
N GLN A 229 -6.22 20.29 -12.26
CA GLN A 229 -5.78 18.91 -12.47
C GLN A 229 -4.55 18.66 -11.64
N LEU A 230 -3.62 19.63 -11.69
CA LEU A 230 -2.40 19.54 -10.88
C LEU A 230 -2.64 19.50 -9.35
N LEU A 231 -3.49 20.39 -8.84
CA LEU A 231 -3.86 20.41 -7.41
C LEU A 231 -4.58 19.14 -6.98
N LYS A 232 -5.38 18.56 -7.87
CA LYS A 232 -6.02 17.29 -7.61
C LYS A 232 -4.98 16.20 -7.44
N PHE A 233 -4.05 16.15 -8.39
CA PHE A 233 -3.03 15.13 -8.45
C PHE A 233 -2.16 15.15 -7.19
N MET A 234 -1.88 16.33 -6.69
CA MET A 234 -1.07 16.46 -5.49
C MET A 234 -1.67 15.89 -4.20
N VAL A 235 -2.99 15.84 -4.12
CA VAL A 235 -3.64 15.17 -3.00
C VAL A 235 -4.02 13.72 -3.38
N HIS A 236 -3.50 13.14 -4.46
CA HIS A 236 -3.82 11.71 -4.68
C HIS A 236 -3.18 10.85 -3.63
N PRO A 237 -3.89 9.85 -3.08
CA PRO A 237 -3.34 9.26 -1.83
C PRO A 237 -2.02 8.45 -1.98
N ALA A 238 -1.79 7.86 -3.14
CA ALA A 238 -0.52 7.16 -3.39
C ALA A 238 0.53 7.99 -4.12
N ILE A 239 0.40 9.31 -4.15
CA ILE A 239 1.38 10.08 -4.89
C ILE A 239 2.83 9.73 -4.46
N SER A 240 3.72 9.49 -5.43
CA SER A 240 5.13 9.14 -5.13
C SER A 240 5.96 10.34 -4.58
N SER A 241 7.01 10.04 -3.84
CA SER A 241 7.94 11.05 -3.34
C SER A 241 8.40 12.04 -4.43
N ILE A 242 8.96 11.52 -5.53
CA ILE A 242 9.40 12.30 -6.65
C ILE A 242 8.30 13.11 -7.34
N ASN A 243 7.13 12.50 -7.58
CA ASN A 243 6.04 13.24 -8.23
C ASN A 243 5.62 14.39 -7.34
N LEU A 244 5.57 14.15 -6.05
CA LEU A 244 5.11 15.22 -5.14
C LEU A 244 6.15 16.33 -5.07
N THR A 245 7.43 16.00 -5.01
CA THR A 245 8.41 17.10 -5.04
C THR A 245 8.44 17.84 -6.40
N THR A 246 8.23 17.12 -7.50
CA THR A 246 8.16 17.77 -8.82
C THR A 246 7.02 18.78 -8.83
N ALA A 247 5.84 18.33 -8.39
CA ALA A 247 4.65 19.21 -8.27
C ALA A 247 4.87 20.41 -7.36
N LEU A 248 5.57 20.22 -6.24
CA LEU A 248 5.73 21.33 -5.30
C LEU A 248 6.59 22.40 -5.97
N GLY A 249 7.67 21.97 -6.65
CA GLY A 249 8.54 22.87 -7.41
C GLY A 249 7.84 23.60 -8.54
N SER A 250 7.02 22.86 -9.31
CA SER A 250 6.23 23.48 -10.36
C SER A 250 5.30 24.56 -9.81
N LEU A 251 4.67 24.29 -8.67
CA LEU A 251 3.77 25.26 -8.06
C LEU A 251 4.55 26.50 -7.67
N ALA A 252 5.77 26.31 -7.20
CA ALA A 252 6.59 27.45 -6.89
C ALA A 252 6.96 28.21 -8.17
N ASN A 253 7.26 27.52 -9.27
CA ASN A 253 7.58 28.23 -10.52
C ASN A 253 6.36 29.06 -10.92
N ILE A 254 5.20 28.41 -10.91
CA ILE A 254 3.92 28.98 -11.31
C ILE A 254 3.53 30.25 -10.52
N ALA A 255 3.72 30.18 -9.20
CA ALA A 255 3.47 31.32 -8.34
C ALA A 255 4.42 32.49 -8.67
N ARG A 256 5.67 32.19 -8.96
CA ARG A 256 6.64 33.25 -9.16
C ARG A 256 6.39 33.94 -10.50
N GLN A 257 6.08 33.13 -11.53
CA GLN A 257 5.82 33.69 -12.86
C GLN A 257 4.41 34.20 -13.04
N ARG A 258 3.46 33.68 -12.26
CA ARG A 258 2.05 34.05 -12.41
C ARG A 258 1.45 34.24 -11.02
N PRO A 259 1.78 35.37 -10.39
CA PRO A 259 1.37 35.62 -9.01
C PRO A 259 -0.13 35.66 -8.74
N MET A 260 -0.99 35.76 -9.76
CA MET A 260 -2.43 35.59 -9.43
C MET A 260 -2.79 34.21 -8.87
N PHE A 261 -1.91 33.24 -9.06
CA PHE A 261 -2.14 31.88 -8.58
C PHE A 261 -1.47 31.61 -7.27
N MET A 262 -0.86 32.62 -6.69
CA MET A 262 -0.05 32.40 -5.50
C MET A 262 -0.90 31.89 -4.33
N SER A 263 -2.08 32.49 -4.23
CA SER A 263 -3.12 32.04 -3.38
C SER A 263 -3.38 30.52 -3.45
N GLU A 264 -3.60 30.02 -4.67
CA GLU A 264 -3.78 28.59 -4.90
C GLU A 264 -2.59 27.76 -4.39
N VAL A 265 -1.38 28.25 -4.68
CA VAL A 265 -0.18 27.55 -4.36
C VAL A 265 0.00 27.46 -2.85
N ILE A 266 -0.20 28.57 -2.17
CA ILE A 266 -0.05 28.59 -0.72
C ILE A 266 -1.09 27.66 -0.06
N GLN A 267 -2.30 27.64 -0.60
CA GLN A 267 -3.35 26.75 -0.13
C GLN A 267 -2.91 25.30 -0.28
N ALA A 268 -2.29 24.99 -1.42
CA ALA A 268 -1.80 23.63 -1.69
C ALA A 268 -0.75 23.22 -0.68
N TYR A 269 0.13 24.15 -0.34
CA TYR A 269 1.22 23.86 0.57
C TYR A 269 0.66 23.63 1.98
N GLU A 270 -0.32 24.45 2.37
CA GLU A 270 -1.02 24.33 3.66
C GLU A 270 -1.73 22.97 3.79
N THR A 271 -2.52 22.63 2.78
CA THR A 271 -3.11 21.32 2.68
C THR A 271 -2.09 20.18 2.84
N LEU A 272 -1.04 20.16 2.03
CA LEU A 272 -0.01 19.14 2.11
C LEU A 272 0.70 19.10 3.48
N HIS A 273 1.06 20.26 4.03
CA HIS A 273 1.71 20.28 5.32
C HIS A 273 0.83 19.62 6.40
N ALA A 274 -0.46 19.87 6.36
CA ALA A 274 -1.38 19.31 7.36
C ALA A 274 -1.76 17.82 7.12
N ASN A 275 -1.55 17.31 5.90
CA ASN A 275 -1.95 15.94 5.49
C ASN A 275 -0.88 15.28 4.61
N LEU A 276 0.29 14.99 5.12
CA LEU A 276 1.32 14.25 4.35
C LEU A 276 0.75 12.92 3.82
N PRO A 277 0.83 12.65 2.51
CA PRO A 277 0.36 11.34 2.03
C PRO A 277 1.04 10.24 2.83
N PRO A 278 0.26 9.30 3.41
CA PRO A 278 0.91 8.44 4.41
C PRO A 278 1.65 7.23 3.81
N THR A 279 1.53 7.01 2.51
CA THR A 279 2.30 5.99 1.80
C THR A 279 3.79 6.29 1.62
N LEU A 280 4.23 7.52 1.91
CA LEU A 280 5.63 7.89 1.77
C LEU A 280 6.42 7.21 2.85
N ALA A 281 7.50 6.55 2.47
CA ALA A 281 8.45 6.01 3.48
C ALA A 281 9.13 7.10 4.32
N LYS A 282 9.69 6.73 5.46
CA LYS A 282 10.33 7.71 6.35
C LYS A 282 11.31 8.68 5.65
N SER A 283 12.19 8.16 4.81
CA SER A 283 13.15 9.02 4.16
C SER A 283 12.49 9.84 3.03
N GLN A 284 11.43 9.31 2.44
CA GLN A 284 10.65 10.12 1.49
C GLN A 284 9.91 11.28 2.18
N VAL A 285 9.32 11.06 3.36
CA VAL A 285 8.71 12.14 4.13
C VAL A 285 9.77 13.22 4.39
N SER A 286 10.95 12.82 4.82
CA SER A 286 12.00 13.78 5.02
C SER A 286 12.36 14.56 3.75
N SER A 287 12.46 13.86 2.60
CA SER A 287 12.87 14.48 1.36
C SER A 287 11.83 15.51 0.96
N VAL A 288 10.58 15.12 1.12
CA VAL A 288 9.48 15.98 0.78
C VAL A 288 9.40 17.22 1.66
N ARG A 289 9.55 17.04 2.98
CA ARG A 289 9.49 18.15 3.90
C ARG A 289 10.60 19.15 3.60
N LYS A 290 11.79 18.65 3.29
CA LYS A 290 12.89 19.55 2.97
C LYS A 290 12.60 20.40 1.72
N ASN A 291 11.96 19.80 0.71
CA ASN A 291 11.57 20.52 -0.46
C ASN A 291 10.43 21.53 -0.19
N LEU A 292 9.41 21.12 0.56
CA LEU A 292 8.37 22.06 1.00
C LEU A 292 8.99 23.31 1.67
N LYS A 293 9.93 23.10 2.56
CA LYS A 293 10.57 24.21 3.18
C LYS A 293 11.29 25.04 2.15
N LEU A 294 12.04 24.37 1.27
CA LEU A 294 12.81 25.09 0.26
C LEU A 294 11.92 25.98 -0.63
N HIS A 295 10.81 25.43 -1.11
CA HIS A 295 9.86 26.18 -1.94
C HIS A 295 9.08 27.29 -1.23
N LEU A 296 8.72 27.08 0.02
CA LEU A 296 8.16 28.09 0.86
C LEU A 296 9.09 29.30 1.01
N LEU A 297 10.38 29.07 1.22
CA LEU A 297 11.32 30.21 1.38
C LEU A 297 11.39 30.96 0.08
N SER A 298 11.32 30.18 -0.98
CA SER A 298 11.42 30.69 -2.31
C SER A 298 10.23 31.60 -2.67
N VAL A 299 9.03 31.19 -2.33
CA VAL A 299 7.87 32.05 -2.59
C VAL A 299 7.93 33.28 -1.65
N LEU A 300 8.47 33.09 -0.47
CA LEU A 300 8.61 34.18 0.47
C LEU A 300 9.39 35.36 -0.13
N LYS A 301 10.49 35.04 -0.81
CA LYS A 301 11.40 36.04 -1.39
C LYS A 301 10.72 36.83 -2.50
N HIS A 302 9.59 36.34 -3.01
CA HIS A 302 8.95 36.97 -4.13
C HIS A 302 8.13 38.19 -3.69
N PRO A 303 8.30 39.34 -4.40
CA PRO A 303 7.66 40.56 -3.87
C PRO A 303 6.14 40.43 -3.65
N ALA A 304 5.50 39.49 -4.33
CA ALA A 304 4.05 39.42 -4.21
C ALA A 304 3.54 38.58 -3.05
N SER A 305 4.44 38.09 -2.20
CA SER A 305 4.08 37.15 -1.15
C SER A 305 3.63 37.87 0.09
N LEU A 306 3.63 39.21 -0.02
CA LEU A 306 3.23 40.11 1.03
C LEU A 306 1.93 39.73 1.70
N GLU A 307 0.94 39.31 0.89
CA GLU A 307 -0.41 38.98 1.33
C GLU A 307 -0.47 37.59 1.96
N PHE A 308 0.63 36.86 1.93
CA PHE A 308 0.60 35.50 2.42
C PHE A 308 1.66 35.28 3.48
N GLN A 309 2.26 36.37 3.92
CA GLN A 309 3.49 36.30 4.67
C GLN A 309 3.33 35.66 6.07
N ALA A 310 2.22 35.94 6.72
CA ALA A 310 1.94 35.37 8.04
C ALA A 310 1.73 33.84 7.93
N GLN A 311 0.95 33.42 6.94
CA GLN A 311 0.74 32.01 6.71
C GLN A 311 2.01 31.27 6.34
N ILE A 312 2.83 31.87 5.47
CA ILE A 312 4.07 31.20 5.04
C ILE A 312 4.98 31.07 6.26
N THR A 313 5.04 32.13 7.07
CA THR A 313 5.88 32.16 8.26
C THR A 313 5.51 31.04 9.23
N THR A 314 4.22 30.83 9.42
CA THR A 314 3.73 29.82 10.34
C THR A 314 4.14 28.42 9.88
N LEU A 315 3.89 28.08 8.61
CA LEU A 315 4.41 26.83 8.03
C LEU A 315 5.92 26.67 8.23
N LEU A 316 6.68 27.72 7.96
CA LEU A 316 8.13 27.64 8.04
C LEU A 316 8.58 27.33 9.45
N VAL A 317 7.95 27.95 10.44
CA VAL A 317 8.21 27.70 11.86
C VAL A 317 7.87 26.25 12.28
N ASP A 318 6.74 25.73 11.84
CA ASP A 318 6.39 24.33 12.06
C ASP A 318 7.36 23.28 11.47
N LEU A 319 8.02 23.60 10.36
CA LEU A 319 9.04 22.77 9.73
C LEU A 319 10.42 22.96 10.37
N GLY A 320 10.46 23.72 11.45
CA GLY A 320 11.70 24.01 12.14
C GLY A 320 12.62 25.07 11.57
N THR A 321 12.16 25.87 10.61
CA THR A 321 13.02 26.93 10.08
C THR A 321 13.38 27.94 11.18
N PRO A 322 14.68 28.17 11.41
CA PRO A 322 15.08 29.19 12.38
C PRO A 322 14.57 30.58 12.01
N GLN A 323 14.21 31.35 13.02
CA GLN A 323 13.77 32.74 12.87
C GLN A 323 14.70 33.58 11.99
N ALA A 324 16.01 33.47 12.22
CA ALA A 324 16.98 34.21 11.44
C ALA A 324 17.00 33.74 10.00
N GLU A 325 16.71 32.46 9.76
CA GLU A 325 16.68 32.01 8.36
C GLU A 325 15.46 32.57 7.59
N ILE A 326 14.34 32.74 8.29
CA ILE A 326 13.14 33.32 7.72
C ILE A 326 13.40 34.77 7.32
N ALA A 327 13.89 35.58 8.27
CA ALA A 327 14.21 36.99 8.02
C ALA A 327 15.16 37.16 6.86
N ARG A 328 16.12 36.26 6.78
CA ARG A 328 17.13 36.29 5.72
C ARG A 328 16.46 36.23 4.36
N ASN A 329 15.29 35.61 4.28
CA ASN A 329 14.59 35.52 2.99
C ASN A 329 13.42 36.49 2.84
N MET A 330 13.50 37.67 3.45
CA MET A 330 12.41 38.64 3.30
C MET A 330 12.54 39.64 2.11
N PRO A 331 13.00 40.90 2.32
CA PRO A 331 13.06 41.70 1.07
C PRO A 331 14.44 41.72 0.38
N LEU B 26 25.47 5.32 -17.82
CA LEU B 26 24.95 6.05 -16.60
C LEU B 26 25.97 7.08 -16.12
N ARG B 27 25.59 8.35 -16.15
CA ARG B 27 26.53 9.44 -15.85
C ARG B 27 26.27 9.93 -14.45
N VAL B 28 27.29 9.76 -13.62
CA VAL B 28 27.20 9.98 -12.21
C VAL B 28 28.13 11.12 -11.77
N ALA B 29 27.68 11.86 -10.76
CA ALA B 29 28.50 12.86 -10.07
C ALA B 29 28.50 12.49 -8.60
N VAL B 30 29.68 12.55 -8.01
CA VAL B 30 29.84 12.28 -6.60
C VAL B 30 30.37 13.55 -5.97
N VAL B 31 29.65 13.96 -4.91
CA VAL B 31 29.80 15.29 -4.35
C VAL B 31 30.03 15.23 -2.85
N SER B 32 31.13 15.82 -2.39
CA SER B 32 31.36 15.89 -0.98
C SER B 32 31.55 17.32 -0.57
N SER B 33 32.16 17.54 0.57
CA SER B 33 32.28 18.91 1.02
C SER B 33 33.56 19.53 0.48
N SER B 34 34.69 18.87 0.73
CA SER B 34 36.01 19.39 0.27
C SER B 34 36.58 18.84 -1.03
N ASN B 35 35.94 17.81 -1.62
CA ASN B 35 36.43 17.11 -2.81
C ASN B 35 37.86 16.53 -2.66
N GLN B 36 38.08 15.89 -1.52
CA GLN B 36 39.38 15.37 -1.14
C GLN B 36 39.31 13.89 -0.77
N ASN B 37 38.27 13.51 -0.04
CA ASN B 37 38.23 12.18 0.56
C ASN B 37 37.04 11.32 0.08
N ARG B 38 35.83 11.63 0.53
CA ARG B 38 34.67 10.79 0.20
C ARG B 38 34.36 10.74 -1.31
N SER B 39 34.38 11.88 -1.98
CA SER B 39 34.06 11.95 -3.40
C SER B 39 35.15 11.36 -4.25
N MET B 40 36.41 11.50 -3.83
CA MET B 40 37.52 11.01 -4.65
C MET B 40 37.72 9.51 -4.52
N GLU B 41 37.49 9.00 -3.31
CA GLU B 41 37.46 7.56 -3.14
C GLU B 41 36.40 6.98 -4.10
N ALA B 42 35.21 7.55 -4.11
CA ALA B 42 34.14 7.06 -4.96
C ALA B 42 34.44 7.31 -6.43
N HIS B 43 35.01 8.47 -6.73
CA HIS B 43 35.44 8.81 -8.08
C HIS B 43 36.32 7.69 -8.60
N ASN B 44 37.28 7.29 -7.78
CA ASN B 44 38.28 6.30 -8.14
C ASN B 44 37.69 4.90 -8.43
N ILE B 45 36.85 4.41 -7.52
CA ILE B 45 36.24 3.10 -7.67
C ILE B 45 35.34 3.03 -8.91
N LEU B 46 34.37 3.92 -8.98
CA LEU B 46 33.47 3.98 -10.12
C LEU B 46 34.23 4.07 -11.46
N SER B 47 35.26 4.89 -11.48
CA SER B 47 35.91 5.17 -12.73
C SER B 47 36.62 3.89 -13.19
N LYS B 48 37.34 3.24 -12.29
CA LYS B 48 37.94 1.94 -12.56
C LYS B 48 36.93 0.86 -12.89
N ARG B 49 35.71 0.98 -12.41
CA ARG B 49 34.70 -0.02 -12.73
C ARG B 49 33.87 0.33 -13.95
N GLY B 50 34.41 1.22 -14.79
CA GLY B 50 33.80 1.55 -16.09
C GLY B 50 32.66 2.57 -16.15
N PHE B 51 32.28 3.19 -15.01
CA PHE B 51 31.32 4.31 -14.99
C PHE B 51 31.86 5.63 -15.57
N SER B 52 30.94 6.50 -15.99
CA SER B 52 31.30 7.85 -16.37
C SER B 52 30.92 8.68 -15.17
N VAL B 53 31.93 9.21 -14.50
CA VAL B 53 31.80 9.82 -13.18
C VAL B 53 32.64 11.11 -13.12
N ARG B 54 32.12 12.12 -12.42
CA ARG B 54 32.85 13.37 -12.15
C ARG B 54 32.66 13.56 -10.65
N SER B 55 33.55 14.33 -10.01
CA SER B 55 33.43 14.59 -8.60
C SER B 55 33.56 16.09 -8.25
N PHE B 56 32.97 16.51 -7.14
CA PHE B 56 32.92 17.90 -6.72
C PHE B 56 32.82 17.99 -5.21
N GLY B 57 32.98 19.20 -4.70
CA GLY B 57 32.69 19.54 -3.31
C GLY B 57 31.82 20.76 -3.34
N THR B 58 30.96 20.90 -2.32
CA THR B 58 30.09 22.06 -2.19
C THR B 58 30.51 23.05 -1.09
N GLY B 59 31.58 22.73 -0.36
CA GLY B 59 32.00 23.58 0.74
C GLY B 59 32.60 24.90 0.28
N THR B 60 32.55 25.88 1.17
CA THR B 60 33.18 27.18 1.00
C THR B 60 34.70 27.11 0.77
N HIS B 61 35.37 26.09 1.30
CA HIS B 61 36.82 25.94 1.14
C HIS B 61 37.20 24.47 1.32
N VAL B 62 38.43 24.13 0.91
CA VAL B 62 38.97 22.81 1.17
C VAL B 62 39.51 22.72 2.59
N LYS B 63 39.10 21.66 3.29
CA LYS B 63 39.49 21.40 4.67
C LYS B 63 40.22 20.07 4.68
N LEU B 64 41.28 19.95 5.45
CA LEU B 64 42.07 18.75 5.47
C LEU B 64 42.48 18.56 6.93
N PRO B 65 42.57 17.31 7.42
CA PRO B 65 42.87 17.12 8.86
C PRO B 65 44.19 17.72 9.25
N GLY B 66 44.35 18.10 10.52
CA GLY B 66 45.60 18.67 11.03
C GLY B 66 46.05 17.99 12.31
N PRO B 67 46.96 18.64 13.06
CA PRO B 67 47.55 18.03 14.26
C PRO B 67 46.62 17.97 15.48
N ALA B 68 45.34 18.25 15.29
CA ALA B 68 44.38 18.19 16.39
C ALA B 68 43.04 18.42 15.71
N PRO B 69 41.95 17.84 16.24
CA PRO B 69 40.62 17.95 15.58
C PRO B 69 40.10 19.39 15.37
N ASP B 70 40.51 20.35 16.19
CA ASP B 70 40.09 21.74 16.05
C ASP B 70 41.15 22.62 15.33
N LYS B 71 42.01 21.95 14.57
CA LYS B 71 43.16 22.59 13.90
C LYS B 71 43.37 22.05 12.50
N PRO B 72 42.32 22.13 11.69
CA PRO B 72 42.39 21.61 10.34
C PRO B 72 43.24 22.55 9.48
N ASN B 73 43.74 22.03 8.37
CA ASN B 73 44.38 22.87 7.36
C ASN B 73 43.35 23.29 6.38
N VAL B 74 43.56 24.47 5.86
CA VAL B 74 42.54 25.11 5.08
C VAL B 74 43.13 25.59 3.76
N TYR B 75 42.37 25.42 2.69
CA TYR B 75 42.78 25.93 1.39
C TYR B 75 41.62 26.45 0.57
N ASP B 76 41.97 27.26 -0.41
CA ASP B 76 41.10 27.66 -1.48
C ASP B 76 40.87 26.47 -2.42
N PHE B 77 39.74 26.47 -3.14
CA PHE B 77 39.49 25.52 -4.22
C PHE B 77 40.40 25.67 -5.45
N LYS B 78 41.04 26.82 -5.64
CA LYS B 78 41.99 26.99 -6.74
C LYS B 78 43.32 26.29 -6.46
N THR B 79 43.57 25.92 -5.20
CA THR B 79 44.81 25.27 -4.84
C THR B 79 44.86 23.82 -5.38
N THR B 80 45.99 23.46 -5.95
CA THR B 80 46.22 22.18 -6.57
C THR B 80 46.40 21.06 -5.50
N TYR B 81 46.14 19.80 -5.87
CA TYR B 81 46.48 18.71 -4.98
C TYR B 81 47.98 18.66 -4.66
N ASP B 82 48.81 18.85 -5.71
CA ASP B 82 50.27 18.80 -5.57
C ASP B 82 50.73 19.94 -4.66
N GLN B 83 50.15 21.13 -4.78
CA GLN B 83 50.54 22.26 -3.92
C GLN B 83 50.23 21.97 -2.47
N MET B 84 49.09 21.30 -2.24
CA MET B 84 48.68 20.92 -0.89
C MET B 84 49.66 19.93 -0.30
N TYR B 85 50.01 18.94 -1.11
CA TYR B 85 50.92 17.87 -0.75
C TYR B 85 52.24 18.49 -0.37
N ASN B 86 52.75 19.30 -1.29
CA ASN B 86 53.99 19.99 -1.10
C ASN B 86 54.01 20.86 0.16
N ASP B 87 52.91 21.57 0.40
CA ASP B 87 52.70 22.37 1.62
C ASP B 87 52.73 21.48 2.85
N LEU B 88 52.07 20.34 2.76
CA LEU B 88 51.92 19.50 3.93
C LEU B 88 53.23 18.80 4.27
N LEU B 89 53.97 18.44 3.22
CA LEU B 89 55.27 17.80 3.37
C LEU B 89 56.27 18.74 4.01
N ARG B 90 56.15 20.05 3.77
CA ARG B 90 57.04 21.03 4.44
C ARG B 90 56.66 21.18 5.90
N LYS B 91 55.38 21.08 6.21
CA LYS B 91 54.90 21.36 7.57
C LYS B 91 55.21 20.27 8.60
N ASP B 92 54.97 19.01 8.25
CA ASP B 92 55.10 17.87 9.17
C ASP B 92 55.00 16.62 8.34
N LYS B 93 56.11 16.28 7.68
CA LYS B 93 56.20 15.10 6.85
C LYS B 93 55.71 13.86 7.61
N GLU B 94 56.08 13.79 8.89
CA GLU B 94 55.82 12.61 9.70
C GLU B 94 54.34 12.47 9.93
N LEU B 95 53.72 13.55 10.37
CA LEU B 95 52.32 13.49 10.73
C LEU B 95 51.47 13.19 9.50
N TYR B 96 51.77 13.84 8.38
CA TYR B 96 50.93 13.72 7.20
C TYR B 96 51.16 12.45 6.38
N THR B 97 52.26 11.74 6.66
CA THR B 97 52.40 10.31 6.32
C THR B 97 51.58 9.40 7.26
N GLN B 98 51.69 9.60 8.58
CA GLN B 98 50.93 8.78 9.57
C GLN B 98 49.46 8.74 9.27
N ASN B 99 48.86 9.91 9.09
CA ASN B 99 47.42 9.99 8.86
C ASN B 99 46.94 9.81 7.39
N GLY B 100 47.80 9.32 6.49
CA GLY B 100 47.38 8.94 5.13
C GLY B 100 47.08 10.09 4.19
N ILE B 101 47.37 11.30 4.61
CA ILE B 101 46.96 12.42 3.83
C ILE B 101 47.82 12.67 2.60
N LEU B 102 49.12 12.56 2.75
CA LEU B 102 50.01 12.59 1.59
C LEU B 102 49.63 11.52 0.55
N HIS B 103 49.27 10.33 1.02
CA HIS B 103 48.88 9.24 0.12
C HIS B 103 47.57 9.66 -0.59
N MET B 104 46.64 10.21 0.17
CA MET B 104 45.38 10.68 -0.40
C MET B 104 45.59 11.75 -1.48
N LEU B 105 46.47 12.69 -1.21
CA LEU B 105 46.69 13.79 -2.14
C LEU B 105 47.30 13.26 -3.43
N ASP B 106 48.22 12.31 -3.27
CA ASP B 106 48.87 11.68 -4.39
C ASP B 106 47.85 10.98 -5.26
N ARG B 107 47.01 10.19 -4.61
CA ARG B 107 45.91 9.46 -5.26
C ARG B 107 45.00 10.47 -6.00
N ASN B 108 44.65 11.56 -5.33
CA ASN B 108 43.85 12.60 -5.96
C ASN B 108 44.49 13.18 -7.21
N LYS B 109 45.78 13.46 -7.11
CA LYS B 109 46.54 14.05 -8.21
C LYS B 109 46.48 13.15 -9.45
N ARG B 110 46.46 11.84 -9.26
CA ARG B 110 46.47 10.92 -10.39
C ARG B 110 45.14 10.89 -11.05
N ILE B 111 44.12 11.35 -10.35
CA ILE B 111 42.79 11.47 -10.94
C ILE B 111 42.62 12.77 -11.73
N LYS B 112 42.98 13.90 -11.12
CA LYS B 112 42.76 15.20 -11.74
C LYS B 112 43.56 16.26 -11.00
N PRO B 113 43.79 17.41 -11.65
CA PRO B 113 44.76 18.23 -10.92
C PRO B 113 44.25 18.99 -9.68
N ARG B 114 42.95 19.29 -9.56
CA ARG B 114 42.49 20.03 -8.36
C ARG B 114 41.04 19.80 -7.99
N PRO B 115 40.67 20.10 -6.74
CA PRO B 115 39.28 20.00 -6.31
C PRO B 115 38.35 20.94 -7.08
N GLU B 116 37.13 20.50 -7.33
CA GLU B 116 36.18 21.29 -8.12
C GLU B 116 34.95 21.60 -7.29
N ARG B 117 34.51 22.86 -7.37
CA ARG B 117 33.26 23.30 -6.75
C ARG B 117 32.12 22.92 -7.65
N PHE B 118 31.14 22.27 -7.05
CA PHE B 118 29.92 21.91 -7.74
C PHE B 118 29.22 23.14 -8.29
N GLN B 119 29.32 24.26 -7.60
CA GLN B 119 28.63 25.48 -8.02
C GLN B 119 29.20 26.09 -9.30
N ASN B 120 30.38 25.65 -9.73
CA ASN B 120 30.99 26.20 -10.93
C ASN B 120 30.91 25.20 -12.06
N CYS B 121 30.25 24.08 -11.85
CA CYS B 121 30.17 23.13 -12.92
C CYS B 121 29.00 23.36 -13.88
N LYS B 122 29.22 22.92 -15.13
CA LYS B 122 28.36 23.19 -16.28
C LYS B 122 27.69 21.90 -16.79
N ASP B 123 28.00 20.77 -16.18
CA ASP B 123 27.78 19.49 -16.80
C ASP B 123 26.47 18.81 -16.44
N LEU B 124 26.02 17.89 -17.29
CA LEU B 124 24.76 17.15 -17.07
C LEU B 124 24.95 15.73 -16.54
N PHE B 125 24.15 15.33 -15.55
CA PHE B 125 24.23 13.96 -15.01
C PHE B 125 22.91 13.21 -15.00
N ASP B 126 22.96 11.90 -14.98
CA ASP B 126 21.73 11.17 -14.66
C ASP B 126 21.49 11.17 -13.14
N LEU B 127 22.56 11.11 -12.37
CA LEU B 127 22.46 10.77 -10.97
C LEU B 127 23.57 11.46 -10.20
N ILE B 128 23.17 12.14 -9.13
CA ILE B 128 24.09 12.90 -8.30
C ILE B 128 23.96 12.39 -6.90
N LEU B 129 25.08 11.88 -6.41
CA LEU B 129 25.19 11.30 -5.06
C LEU B 129 25.98 12.22 -4.18
N THR B 130 25.40 12.55 -3.04
CA THR B 130 26.04 13.38 -2.05
C THR B 130 26.36 12.54 -0.82
N CYS B 131 27.39 12.98 -0.09
CA CYS B 131 28.01 12.23 1.00
C CYS B 131 27.64 12.72 2.40
N GLU B 132 26.82 13.76 2.50
CA GLU B 132 26.21 14.14 3.76
C GLU B 132 25.07 15.10 3.53
N GLU B 133 24.20 15.24 4.53
CA GLU B 133 23.01 16.02 4.33
C GLU B 133 23.28 17.52 4.04
N ARG B 134 24.23 18.11 4.75
CA ARG B 134 24.61 19.48 4.49
C ARG B 134 24.94 19.68 2.99
N VAL B 135 25.61 18.68 2.40
CA VAL B 135 26.06 18.73 1.02
C VAL B 135 24.89 18.60 0.04
N TYR B 136 24.04 17.63 0.32
CA TYR B 136 22.78 17.45 -0.33
C TYR B 136 21.97 18.77 -0.39
N ASP B 137 21.82 19.46 0.74
CA ASP B 137 21.18 20.78 0.77
C ASP B 137 21.85 21.81 -0.11
N GLN B 138 23.18 21.78 -0.13
CA GLN B 138 23.85 22.74 -0.96
C GLN B 138 23.64 22.40 -2.46
N VAL B 139 23.62 21.11 -2.82
CA VAL B 139 23.44 20.67 -4.22
C VAL B 139 22.06 21.06 -4.69
N VAL B 140 21.10 20.83 -3.81
CA VAL B 140 19.70 21.14 -4.14
C VAL B 140 19.45 22.65 -4.22
N GLU B 141 19.96 23.40 -3.25
CA GLU B 141 19.83 24.83 -3.27
C GLU B 141 20.38 25.43 -4.56
N ASP B 142 21.56 24.99 -4.95
CA ASP B 142 22.19 25.47 -6.14
C ASP B 142 21.44 25.09 -7.45
N LEU B 143 21.04 23.83 -7.60
CA LEU B 143 20.30 23.45 -8.79
C LEU B 143 18.93 24.10 -8.82
N ASN B 144 18.24 24.16 -7.68
CA ASN B 144 16.94 24.85 -7.67
C ASN B 144 17.04 26.34 -8.02
N SER B 145 18.19 26.97 -7.89
CA SER B 145 18.26 28.39 -8.29
C SER B 145 18.79 28.64 -9.73
N ARG B 146 19.16 27.60 -10.46
CA ARG B 146 19.47 27.76 -11.88
C ARG B 146 18.16 27.71 -12.69
N GLU B 147 18.00 28.59 -13.66
CA GLU B 147 16.86 28.54 -14.58
C GLU B 147 16.88 27.29 -15.43
N GLN B 148 15.75 26.57 -15.43
CA GLN B 148 15.59 25.33 -16.15
C GLN B 148 15.34 25.70 -17.60
N GLU B 149 16.00 25.08 -18.56
CA GLU B 149 15.70 25.40 -19.97
C GLU B 149 15.06 24.20 -20.63
N THR B 150 15.33 23.05 -20.05
CA THR B 150 15.03 21.81 -20.67
C THR B 150 13.98 21.01 -19.90
N CYS B 151 13.90 21.20 -18.59
CA CYS B 151 12.99 20.39 -17.75
C CYS B 151 13.35 18.92 -17.67
N GLN B 152 14.54 18.53 -18.16
CA GLN B 152 15.06 17.19 -17.93
C GLN B 152 15.38 16.99 -16.43
N PRO B 153 14.85 15.93 -15.81
CA PRO B 153 15.25 15.72 -14.41
C PRO B 153 16.63 15.12 -14.19
N VAL B 154 17.21 15.40 -13.03
CA VAL B 154 18.41 14.65 -12.57
C VAL B 154 18.10 14.25 -11.14
N HIS B 155 18.41 13.01 -10.81
CA HIS B 155 18.15 12.47 -9.50
C HIS B 155 19.30 12.76 -8.55
N VAL B 156 18.95 13.18 -7.34
CA VAL B 156 19.89 13.52 -6.31
C VAL B 156 19.65 12.65 -5.12
N VAL B 157 20.69 11.91 -4.73
CA VAL B 157 20.59 10.99 -3.62
C VAL B 157 21.73 11.17 -2.61
N ASN B 158 21.35 11.17 -1.34
CA ASN B 158 22.30 11.34 -0.25
C ASN B 158 22.48 10.07 0.51
N VAL B 159 23.74 9.74 0.80
CA VAL B 159 24.09 8.82 1.85
C VAL B 159 25.08 9.48 2.80
N ASP B 160 24.81 9.44 4.10
CA ASP B 160 25.73 9.98 5.09
C ASP B 160 26.96 9.07 5.24
N ILE B 161 28.13 9.64 4.97
CA ILE B 161 29.40 8.97 5.10
C ILE B 161 30.30 9.91 5.92
N GLN B 162 30.86 9.42 7.03
CA GLN B 162 31.78 10.22 7.85
C GLN B 162 33.07 10.52 7.11
N ASP B 163 33.65 11.66 7.44
CA ASP B 163 34.83 12.15 6.75
C ASP B 163 36.12 11.58 7.33
N ASN B 164 36.33 10.28 7.20
CA ASN B 164 37.61 9.63 7.46
C ASN B 164 37.83 8.53 6.41
N HIS B 165 39.02 7.97 6.37
CA HIS B 165 39.41 7.12 5.26
C HIS B 165 38.60 5.84 5.16
N GLU B 166 38.47 5.16 6.29
CA GLU B 166 37.70 3.93 6.42
C GLU B 166 36.29 4.11 5.88
N GLU B 167 35.54 5.06 6.45
CA GLU B 167 34.16 5.25 6.08
C GLU B 167 34.10 5.69 4.63
N ALA B 168 35.09 6.47 4.19
CA ALA B 168 35.08 6.94 2.83
C ALA B 168 35.11 5.76 1.89
N THR B 169 35.93 4.77 2.23
CA THR B 169 36.11 3.60 1.41
C THR B 169 34.86 2.71 1.42
N LEU B 170 34.31 2.46 2.61
CA LEU B 170 33.06 1.73 2.75
C LEU B 170 31.98 2.38 1.90
N GLY B 171 31.90 3.70 2.02
CA GLY B 171 30.92 4.53 1.31
C GLY B 171 31.07 4.47 -0.19
N ALA B 172 32.30 4.48 -0.67
CA ALA B 172 32.56 4.29 -2.11
C ALA B 172 32.01 2.96 -2.63
N PHE B 173 32.21 1.87 -1.88
CA PHE B 173 31.69 0.58 -2.34
C PHE B 173 30.18 0.47 -2.29
N LEU B 174 29.56 1.13 -1.31
CA LEU B 174 28.13 1.11 -1.19
C LEU B 174 27.53 1.87 -2.36
N ILE B 175 28.14 3.00 -2.68
CA ILE B 175 27.81 3.82 -3.86
C ILE B 175 28.03 3.03 -5.18
N CYS B 176 29.16 2.35 -5.28
CA CYS B 176 29.40 1.50 -6.42
C CYS B 176 28.30 0.45 -6.58
N GLU B 177 27.89 -0.19 -5.49
CA GLU B 177 26.89 -1.24 -5.56
C GLU B 177 25.54 -0.64 -6.01
N LEU B 178 25.19 0.51 -5.42
CA LEU B 178 24.01 1.26 -5.81
C LEU B 178 23.98 1.57 -7.31
N CYS B 179 25.05 2.17 -7.82
CA CYS B 179 25.15 2.43 -9.26
C CYS B 179 25.11 1.17 -10.12
N GLN B 180 25.70 0.10 -9.63
CA GLN B 180 25.70 -1.09 -10.45
C GLN B 180 24.28 -1.65 -10.55
N CYS B 181 23.57 -1.57 -9.44
CA CYS B 181 22.16 -1.91 -9.36
C CYS B 181 21.31 -1.12 -10.30
N ILE B 182 21.49 0.21 -10.26
CA ILE B 182 20.78 1.12 -11.12
C ILE B 182 21.05 0.79 -12.58
N GLN B 183 22.27 0.36 -12.91
CA GLN B 183 22.57 -0.02 -14.30
C GLN B 183 21.86 -1.28 -14.70
N HIS B 184 21.44 -2.09 -13.74
CA HIS B 184 20.77 -3.33 -14.09
C HIS B 184 19.24 -3.25 -14.16
N THR B 185 18.64 -2.09 -13.82
CA THR B 185 17.18 -1.96 -13.92
C THR B 185 16.74 -1.60 -15.32
N GLU B 186 15.58 -2.11 -15.69
CA GLU B 186 14.92 -1.77 -16.95
C GLU B 186 14.68 -0.24 -17.04
N ASP B 187 14.18 0.37 -15.96
CA ASP B 187 13.67 1.74 -15.98
C ASP B 187 14.12 2.48 -14.75
N MET B 188 15.27 3.15 -14.84
CA MET B 188 15.76 3.83 -13.69
C MET B 188 14.67 4.62 -12.90
N GLU B 189 13.97 5.54 -13.56
CA GLU B 189 13.09 6.45 -12.84
C GLU B 189 11.95 5.67 -12.17
N ASN B 190 11.47 4.63 -12.83
CA ASN B 190 10.37 3.89 -12.24
C ASN B 190 10.76 2.96 -11.08
N GLU B 191 12.05 2.60 -11.00
CA GLU B 191 12.47 1.63 -10.00
C GLU B 191 13.34 2.18 -8.87
N ILE B 192 13.86 3.40 -9.02
CA ILE B 192 14.94 3.85 -8.15
C ILE B 192 14.54 3.98 -6.66
N ASP B 193 13.33 4.45 -6.40
CA ASP B 193 12.82 4.56 -5.03
C ASP B 193 12.73 3.20 -4.36
N GLU B 194 12.30 2.22 -5.13
CA GLU B 194 12.21 0.88 -4.64
C GLU B 194 13.62 0.36 -4.27
N LEU B 195 14.61 0.57 -5.14
CA LEU B 195 16.00 0.18 -4.87
C LEU B 195 16.55 0.82 -3.64
N LEU B 196 16.31 2.12 -3.51
CA LEU B 196 16.76 2.84 -2.35
C LEU B 196 16.20 2.28 -1.07
N GLN B 197 14.91 1.91 -1.04
CA GLN B 197 14.29 1.33 0.16
C GLN B 197 14.90 -0.03 0.51
N GLU B 198 15.24 -0.82 -0.51
CA GLU B 198 15.97 -2.07 -0.33
C GLU B 198 17.37 -1.82 0.25
N PHE B 199 18.07 -0.81 -0.27
CA PHE B 199 19.37 -0.42 0.27
C PHE B 199 19.28 0.10 1.70
N GLU B 200 18.25 0.88 2.00
CA GLU B 200 17.94 1.24 3.39
C GLU B 200 17.80 0.01 4.32
N GLU B 201 16.93 -0.93 3.95
CA GLU B 201 16.78 -2.17 4.72
C GLU B 201 18.12 -2.97 4.88
N LYS B 202 18.92 -3.07 3.81
CA LYS B 202 20.20 -3.80 3.77
C LYS B 202 21.33 -3.12 4.54
N SER B 203 21.35 -1.80 4.56
CA SER B 203 22.47 -1.15 5.20
C SER B 203 22.11 -0.47 6.50
N GLY B 204 20.84 -0.20 6.76
CA GLY B 204 20.47 0.58 7.93
C GLY B 204 20.89 2.05 7.78
N ARG B 205 21.28 2.46 6.59
CA ARG B 205 21.57 3.88 6.31
C ARG B 205 20.42 4.55 5.54
N THR B 206 20.10 5.79 5.89
CA THR B 206 18.99 6.44 5.22
C THR B 206 19.43 7.10 3.90
N PHE B 207 18.58 7.05 2.90
CA PHE B 207 18.91 7.64 1.58
C PHE B 207 17.88 8.68 1.18
N LEU B 208 18.22 9.95 1.31
CA LEU B 208 17.29 10.99 0.90
C LEU B 208 17.31 11.02 -0.60
N HIS B 209 16.22 11.46 -1.20
CA HIS B 209 16.16 11.38 -2.64
C HIS B 209 15.17 12.43 -3.19
N THR B 210 15.60 13.20 -4.19
CA THR B 210 14.82 14.25 -4.76
C THR B 210 15.20 14.36 -6.22
N VAL B 211 14.50 15.21 -6.97
CA VAL B 211 14.93 15.50 -8.33
C VAL B 211 15.11 16.98 -8.47
N CYS B 212 16.07 17.36 -9.32
CA CYS B 212 16.18 18.72 -9.76
C CYS B 212 16.02 18.77 -11.26
N PHE B 213 16.04 19.95 -11.86
CA PHE B 213 15.72 20.05 -13.30
C PHE B 213 16.65 20.94 -14.05
N TYR B 214 17.11 20.43 -15.19
CA TYR B 214 17.91 21.24 -16.12
C TYR B 214 17.06 22.13 -17.02
N MET C 21 -35.74 -36.06 46.85
CA MET C 21 -34.88 -36.25 45.63
C MET C 21 -33.52 -35.48 45.68
N THR C 22 -32.40 -36.21 45.88
CA THR C 22 -31.02 -35.61 45.96
C THR C 22 -30.32 -35.31 44.62
N THR C 23 -29.12 -34.74 44.69
CA THR C 23 -28.35 -34.46 43.47
C THR C 23 -27.81 -35.76 42.91
N SER C 24 -27.25 -36.56 43.81
CA SER C 24 -26.76 -37.89 43.49
C SER C 24 -27.87 -38.75 42.92
N GLU C 25 -29.06 -38.63 43.49
CA GLU C 25 -30.20 -39.35 42.99
C GLU C 25 -30.58 -38.90 41.59
N ARG C 26 -30.67 -37.57 41.40
CA ARG C 26 -31.10 -37.00 40.15
C ARG C 26 -30.18 -37.43 38.98
N VAL C 27 -28.87 -37.43 39.28
CA VAL C 27 -27.82 -37.79 38.32
C VAL C 27 -27.91 -39.25 37.90
N VAL C 28 -27.97 -40.17 38.87
CA VAL C 28 -28.16 -41.61 38.61
C VAL C 28 -29.30 -41.86 37.60
N ASP C 29 -30.50 -41.38 37.92
CA ASP C 29 -31.64 -41.60 37.04
C ASP C 29 -31.38 -41.03 35.67
N LEU C 30 -30.74 -39.86 35.65
CA LEU C 30 -30.43 -39.22 34.40
C LEU C 30 -29.47 -40.06 33.57
N LEU C 31 -28.49 -40.68 34.23
CA LEU C 31 -27.56 -41.56 33.53
C LEU C 31 -28.23 -42.82 32.98
N ASN C 32 -29.16 -43.38 33.75
CA ASN C 32 -29.92 -44.53 33.30
C ASN C 32 -30.84 -44.15 32.15
N GLN C 33 -31.40 -42.96 32.23
CA GLN C 33 -32.18 -42.38 31.14
C GLN C 33 -31.32 -42.30 29.90
N ALA C 34 -30.05 -41.93 30.09
CA ALA C 34 -29.10 -41.78 28.97
C ALA C 34 -28.62 -43.11 28.39
N ALA C 35 -28.48 -44.12 29.24
CA ALA C 35 -28.05 -45.44 28.76
C ALA C 35 -29.08 -46.02 27.78
N LEU C 36 -30.35 -45.66 27.96
CA LEU C 36 -31.41 -46.22 27.12
C LEU C 36 -31.81 -45.43 25.87
N ILE C 37 -31.49 -44.14 25.81
CA ILE C 37 -31.76 -43.38 24.57
C ILE C 37 -30.79 -43.76 23.44
N THR C 38 -31.32 -44.10 22.27
CA THR C 38 -30.50 -44.59 21.15
C THR C 38 -30.38 -43.57 20.02
N ASN C 39 -30.50 -42.29 20.36
CA ASN C 39 -30.25 -41.21 19.41
C ASN C 39 -29.64 -39.99 20.12
N ASP C 40 -29.34 -38.95 19.35
CA ASP C 40 -28.63 -37.77 19.90
C ASP C 40 -29.39 -36.97 20.96
N SER C 41 -30.66 -37.29 21.20
CA SER C 41 -31.38 -36.61 22.24
C SER C 41 -30.74 -36.96 23.60
N LYS C 42 -29.94 -38.03 23.65
CA LYS C 42 -29.25 -38.36 24.90
C LYS C 42 -28.35 -37.21 25.40
N ILE C 43 -27.97 -36.29 24.51
CA ILE C 43 -27.07 -35.18 24.87
C ILE C 43 -27.71 -34.16 25.83
N THR C 44 -28.93 -33.73 25.52
CA THR C 44 -29.77 -32.96 26.43
C THR C 44 -29.70 -33.43 27.90
N VAL C 45 -29.89 -34.73 28.09
CA VAL C 45 -29.77 -35.39 29.38
C VAL C 45 -28.36 -35.34 30.00
N LEU C 46 -27.34 -35.65 29.20
CA LEU C 46 -25.95 -35.55 29.63
C LEU C 46 -25.53 -34.16 30.04
N LYS C 47 -26.02 -33.14 29.33
CA LYS C 47 -25.71 -31.75 29.68
C LYS C 47 -26.27 -31.37 31.05
N GLN C 48 -27.47 -31.83 31.33
CA GLN C 48 -28.10 -31.55 32.59
C GLN C 48 -27.33 -32.27 33.69
N VAL C 49 -26.91 -33.50 33.42
CA VAL C 49 -26.05 -34.24 34.35
C VAL C 49 -24.74 -33.47 34.51
N GLN C 50 -24.28 -32.82 33.45
CA GLN C 50 -23.08 -32.02 33.51
C GLN C 50 -23.28 -30.79 34.42
N GLU C 51 -24.39 -30.09 34.22
CA GLU C 51 -24.67 -28.93 35.07
C GLU C 51 -24.65 -29.34 36.55
N LEU C 52 -25.28 -30.47 36.85
CA LEU C 52 -25.43 -30.84 38.23
C LEU C 52 -24.09 -31.15 38.90
N ILE C 53 -23.17 -31.81 38.20
CA ILE C 53 -21.95 -32.26 38.84
C ILE C 53 -20.74 -31.37 38.67
N ILE C 54 -20.83 -30.40 37.76
CA ILE C 54 -19.74 -29.43 37.60
C ILE C 54 -20.07 -28.16 38.36
N ASN C 55 -21.30 -27.68 38.20
CA ASN C 55 -21.73 -26.43 38.83
C ASN C 55 -22.57 -26.48 40.11
N LYS C 56 -23.62 -27.28 40.19
CA LYS C 56 -24.43 -27.31 41.44
C LYS C 56 -23.69 -27.95 42.62
N ASP C 57 -22.95 -29.02 42.34
CA ASP C 57 -22.19 -29.75 43.36
C ASP C 57 -20.92 -30.42 42.80
N PRO C 58 -19.82 -29.64 42.65
CA PRO C 58 -18.55 -30.21 42.16
C PRO C 58 -18.01 -31.36 43.00
N THR C 59 -18.50 -31.51 44.23
CA THR C 59 -18.11 -32.64 45.08
C THR C 59 -18.52 -33.97 44.44
N LEU C 60 -19.59 -33.94 43.65
CA LEU C 60 -19.99 -35.15 42.93
C LEU C 60 -19.14 -35.45 41.68
N LEU C 61 -18.40 -34.47 41.19
CA LEU C 61 -17.68 -34.60 39.94
C LEU C 61 -16.80 -35.86 39.85
N ASP C 62 -16.17 -36.21 40.96
CA ASP C 62 -15.22 -37.33 41.01
C ASP C 62 -15.93 -38.66 41.06
N ASN C 63 -17.15 -38.62 41.56
CA ASN C 63 -17.94 -39.81 41.76
C ASN C 63 -18.55 -40.39 40.46
N PHE C 64 -18.68 -39.55 39.43
CA PHE C 64 -19.36 -39.96 38.21
C PHE C 64 -18.56 -39.74 36.95
N LEU C 65 -17.30 -39.34 37.11
CA LEU C 65 -16.46 -39.04 35.98
C LEU C 65 -16.45 -40.19 34.96
N ASP C 66 -16.30 -41.43 35.45
CA ASP C 66 -16.10 -42.61 34.61
C ASP C 66 -17.34 -42.93 33.81
N GLU C 67 -18.49 -42.71 34.43
CA GLU C 67 -19.78 -42.87 33.77
C GLU C 67 -19.87 -41.93 32.57
N ILE C 68 -19.50 -40.67 32.73
CA ILE C 68 -19.53 -39.73 31.62
C ILE C 68 -18.46 -40.09 30.59
N ILE C 69 -17.24 -40.34 31.05
CA ILE C 69 -16.13 -40.56 30.10
C ILE C 69 -16.43 -41.78 29.23
N ALA C 70 -17.15 -42.75 29.78
CA ALA C 70 -17.48 -43.99 29.09
C ALA C 70 -18.21 -43.69 27.76
N PHE C 71 -18.85 -42.54 27.71
CA PHE C 71 -19.53 -42.14 26.51
C PHE C 71 -18.58 -41.72 25.36
N GLN C 72 -17.26 -41.71 25.58
CA GLN C 72 -16.33 -41.42 24.48
C GLN C 72 -16.35 -42.50 23.39
N ALA C 73 -16.90 -43.66 23.71
CA ALA C 73 -16.93 -44.80 22.80
C ALA C 73 -18.21 -44.88 21.96
N ASP C 74 -19.19 -44.05 22.28
CA ASP C 74 -20.45 -43.97 21.54
C ASP C 74 -20.21 -43.69 20.04
N LYS C 75 -20.94 -44.38 19.17
CA LYS C 75 -20.82 -44.21 17.72
C LYS C 75 -21.32 -42.85 17.23
N SER C 76 -21.94 -42.06 18.09
CA SER C 76 -22.43 -40.75 17.64
C SER C 76 -21.34 -39.65 17.73
N ILE C 77 -21.11 -38.97 16.60
CA ILE C 77 -20.21 -37.83 16.48
C ILE C 77 -20.50 -36.83 17.59
N GLU C 78 -21.77 -36.51 17.76
CA GLU C 78 -22.17 -35.46 18.65
C GLU C 78 -22.03 -35.86 20.11
N VAL C 79 -22.23 -37.14 20.43
CA VAL C 79 -22.02 -37.61 21.78
C VAL C 79 -20.53 -37.45 22.10
N ARG C 80 -19.66 -37.92 21.20
CA ARG C 80 -18.22 -37.80 21.43
C ARG C 80 -17.78 -36.32 21.62
N LYS C 81 -18.29 -35.43 20.77
CA LYS C 81 -18.06 -33.98 20.97
C LYS C 81 -18.56 -33.49 22.33
N PHE C 82 -19.70 -33.97 22.80
CA PHE C 82 -20.15 -33.61 24.14
C PHE C 82 -19.11 -34.00 25.20
N VAL C 83 -18.64 -35.24 25.14
CA VAL C 83 -17.62 -35.73 26.06
C VAL C 83 -16.39 -34.79 26.04
N ILE C 84 -15.97 -34.37 24.85
CA ILE C 84 -14.87 -33.41 24.78
C ILE C 84 -15.15 -32.16 25.56
N GLY C 85 -16.36 -31.62 25.37
CA GLY C 85 -16.83 -30.37 26.03
C GLY C 85 -16.80 -30.53 27.53
N PHE C 86 -17.18 -31.73 27.95
CA PHE C 86 -17.35 -32.04 29.34
C PHE C 86 -15.98 -32.02 30.01
N ILE C 87 -15.01 -32.67 29.36
CA ILE C 87 -13.62 -32.67 29.80
C ILE C 87 -13.16 -31.24 29.99
N GLU C 88 -13.43 -30.41 28.98
CA GLU C 88 -13.02 -29.01 29.04
C GLU C 88 -13.53 -28.36 30.31
N GLU C 89 -14.82 -28.45 30.52
CA GLU C 89 -15.46 -27.82 31.64
C GLU C 89 -14.97 -28.40 32.97
N ALA C 90 -14.77 -29.71 33.05
CA ALA C 90 -14.39 -30.32 34.32
C ALA C 90 -12.96 -29.97 34.69
N CYS C 91 -12.13 -29.80 33.69
CA CYS C 91 -10.76 -29.39 33.91
C CYS C 91 -10.63 -27.91 34.27
N LYS C 92 -11.53 -27.05 33.77
CA LYS C 92 -11.52 -25.63 34.18
C LYS C 92 -11.96 -25.48 35.62
N ARG C 93 -12.72 -26.45 36.08
CA ARG C 93 -13.24 -26.42 37.43
C ARG C 93 -12.13 -26.97 38.34
N ASP C 94 -11.59 -28.13 37.99
CA ASP C 94 -10.57 -28.77 38.79
C ASP C 94 -9.41 -29.28 37.92
N ILE C 95 -8.45 -28.41 37.63
CA ILE C 95 -7.34 -28.70 36.72
C ILE C 95 -6.60 -30.01 37.01
N GLU C 96 -6.59 -30.43 38.25
CA GLU C 96 -5.96 -31.70 38.57
C GLU C 96 -6.59 -32.92 37.92
N LEU C 97 -7.86 -32.78 37.50
CA LEU C 97 -8.52 -33.86 36.82
C LEU C 97 -7.87 -34.13 35.47
N LEU C 98 -7.09 -33.18 34.99
CA LEU C 98 -6.38 -33.39 33.75
C LEU C 98 -5.39 -34.57 33.84
N LEU C 99 -4.84 -34.85 35.02
CA LEU C 99 -3.99 -36.03 35.22
C LEU C 99 -4.68 -37.29 34.69
N LYS C 100 -5.99 -37.41 34.92
CA LYS C 100 -6.69 -38.58 34.46
C LYS C 100 -7.36 -38.41 33.11
N LEU C 101 -7.43 -37.18 32.60
CA LEU C 101 -8.20 -37.00 31.39
C LEU C 101 -7.36 -36.72 30.16
N ILE C 102 -6.08 -36.39 30.35
CA ILE C 102 -5.24 -36.04 29.21
C ILE C 102 -5.16 -37.13 28.15
N ALA C 103 -5.06 -38.39 28.59
CA ALA C 103 -5.03 -39.48 27.63
C ALA C 103 -6.30 -39.56 26.76
N ASN C 104 -7.47 -39.45 27.40
CA ASN C 104 -8.78 -39.45 26.73
C ASN C 104 -8.86 -38.35 25.69
N LEU C 105 -8.47 -37.14 26.09
CA LEU C 105 -8.29 -36.02 25.16
C LEU C 105 -7.41 -36.31 23.96
N ASN C 106 -6.22 -36.84 24.20
CA ASN C 106 -5.33 -37.05 23.08
C ASN C 106 -5.86 -38.17 22.17
N MET C 107 -6.62 -39.10 22.72
CA MET C 107 -7.23 -40.09 21.86
C MET C 107 -8.41 -39.53 21.03
N LEU C 108 -9.22 -38.67 21.64
CA LEU C 108 -10.24 -37.95 20.88
C LEU C 108 -9.70 -37.03 19.76
N LEU C 109 -8.53 -36.46 19.98
CA LEU C 109 -7.85 -35.68 18.94
C LEU C 109 -7.46 -36.55 17.73
N ARG C 110 -7.49 -37.87 17.92
CA ARG C 110 -7.16 -38.78 16.84
C ARG C 110 -8.39 -39.58 16.38
N ASP C 111 -9.58 -39.10 16.72
CA ASP C 111 -10.85 -39.66 16.22
C ASP C 111 -10.92 -39.73 14.68
N GLU C 112 -11.63 -40.71 14.16
CA GLU C 112 -11.76 -40.93 12.73
C GLU C 112 -12.64 -39.86 12.09
N ASN C 113 -13.52 -39.26 12.87
CA ASN C 113 -14.39 -38.20 12.38
C ASN C 113 -13.82 -36.77 12.59
N VAL C 114 -13.76 -35.97 11.51
CA VAL C 114 -13.08 -34.65 11.53
C VAL C 114 -13.68 -33.70 12.55
N ASN C 115 -15.00 -33.78 12.74
CA ASN C 115 -15.68 -32.86 13.68
C ASN C 115 -15.33 -33.13 15.14
N VAL C 116 -15.13 -34.42 15.46
CA VAL C 116 -14.61 -34.78 16.77
C VAL C 116 -13.18 -34.22 16.89
N VAL C 117 -12.37 -34.36 15.84
CA VAL C 117 -10.97 -33.86 15.88
C VAL C 117 -11.00 -32.32 16.11
N LYS C 118 -11.84 -31.61 15.36
CA LYS C 118 -11.89 -30.13 15.41
C LYS C 118 -12.33 -29.68 16.80
N LYS C 119 -13.30 -30.38 17.38
CA LYS C 119 -13.71 -30.12 18.74
C LYS C 119 -12.57 -30.29 19.78
N ALA C 120 -11.79 -31.37 19.65
CA ALA C 120 -10.61 -31.56 20.50
C ALA C 120 -9.64 -30.41 20.40
N ILE C 121 -9.44 -29.90 19.18
CA ILE C 121 -8.51 -28.79 19.00
C ILE C 121 -8.99 -27.50 19.68
N LEU C 122 -10.30 -27.23 19.64
CA LEU C 122 -10.89 -26.07 20.35
C LEU C 122 -10.81 -26.23 21.84
N THR C 123 -11.00 -27.43 22.33
CA THR C 123 -10.85 -27.64 23.75
C THR C 123 -9.39 -27.42 24.23
N MET C 124 -8.42 -27.82 23.40
CA MET C 124 -7.02 -27.65 23.74
C MET C 124 -6.61 -26.21 23.71
N THR C 125 -7.37 -25.41 22.95
CA THR C 125 -7.07 -23.99 22.82
C THR C 125 -7.41 -23.29 24.12
N GLN C 126 -8.40 -23.81 24.85
CA GLN C 126 -8.66 -23.39 26.22
C GLN C 126 -7.73 -24.01 27.30
N LEU C 127 -7.55 -25.34 27.27
CA LEU C 127 -6.88 -26.07 28.34
C LEU C 127 -5.36 -25.90 28.39
N TYR C 128 -4.71 -25.76 27.23
CA TYR C 128 -3.28 -25.58 27.20
C TYR C 128 -2.85 -24.47 28.14
N LYS C 129 -3.43 -23.30 28.00
CA LYS C 129 -3.02 -22.20 28.85
C LYS C 129 -3.49 -22.36 30.31
N VAL C 130 -4.52 -23.17 30.54
CA VAL C 130 -4.94 -23.40 31.91
C VAL C 130 -3.94 -24.34 32.57
N ALA C 131 -3.49 -25.36 31.85
CA ALA C 131 -2.47 -26.25 32.36
C ALA C 131 -1.16 -25.47 32.63
N LEU C 132 -0.81 -24.56 31.71
CA LEU C 132 0.46 -23.89 31.87
C LEU C 132 0.44 -22.98 33.10
N GLN C 133 -0.71 -22.35 33.33
CA GLN C 133 -0.92 -21.56 34.54
C GLN C 133 -0.81 -22.37 35.82
N TRP C 134 -1.45 -23.53 35.87
CA TRP C 134 -1.26 -24.43 37.01
C TRP C 134 0.19 -24.87 37.23
N MET C 135 0.91 -25.24 36.16
CA MET C 135 2.33 -25.56 36.22
C MET C 135 3.18 -24.40 36.80
N VAL C 136 2.95 -23.18 36.34
CA VAL C 136 3.76 -22.02 36.74
C VAL C 136 3.48 -21.59 38.17
N LYS C 137 2.20 -21.66 38.59
CA LYS C 137 1.84 -21.35 39.98
C LYS C 137 2.28 -22.42 41.00
N SER C 138 2.58 -23.64 40.57
CA SER C 138 3.04 -24.70 41.47
C SER C 138 4.56 -24.65 41.65
N ARG C 139 5.03 -24.82 42.88
CA ARG C 139 6.47 -24.89 43.15
C ARG C 139 6.85 -26.36 43.44
N VAL C 140 5.98 -27.10 44.16
CA VAL C 140 6.19 -28.55 44.39
C VAL C 140 5.26 -29.42 43.54
N ILE C 141 5.83 -30.22 42.66
CA ILE C 141 5.13 -30.89 41.56
C ILE C 141 5.51 -32.37 41.46
N SER C 142 4.53 -33.26 41.52
CA SER C 142 4.76 -34.69 41.43
C SER C 142 5.16 -35.09 39.99
N GLU C 143 5.77 -36.27 39.86
CA GLU C 143 6.24 -36.76 38.56
C GLU C 143 5.08 -36.89 37.61
N LEU C 144 3.95 -37.33 38.17
CA LEU C 144 2.72 -37.47 37.40
C LEU C 144 2.20 -36.14 36.88
N GLN C 145 2.25 -35.08 37.71
CA GLN C 145 1.87 -33.75 37.26
C GLN C 145 2.83 -33.29 36.15
N GLU C 146 4.13 -33.57 36.26
CA GLU C 146 5.07 -33.26 35.16
C GLU C 146 4.74 -33.98 33.84
N ALA C 147 4.35 -35.25 33.97
CA ALA C 147 3.99 -36.09 32.83
C ALA C 147 2.78 -35.53 32.11
N CYS C 148 1.77 -35.18 32.89
CA CYS C 148 0.60 -34.57 32.36
C CYS C 148 1.03 -33.34 31.51
N TRP C 149 1.87 -32.49 32.06
CA TRP C 149 2.34 -31.31 31.33
C TRP C 149 3.10 -31.64 30.07
N ASP C 150 3.94 -32.68 30.10
CA ASP C 150 4.63 -33.10 28.87
C ASP C 150 3.64 -33.63 27.84
N MET C 151 2.56 -34.20 28.35
CA MET C 151 1.51 -34.72 27.55
C MET C 151 0.77 -33.55 26.84
N VAL C 152 0.40 -32.54 27.62
CA VAL C 152 -0.28 -31.36 27.13
C VAL C 152 0.57 -30.69 26.03
N SER C 153 1.86 -30.55 26.34
CA SER C 153 2.83 -29.97 25.41
C SER C 153 3.06 -30.75 24.10
N ALA C 154 3.17 -32.08 24.18
CA ALA C 154 3.34 -32.90 22.99
C ALA C 154 2.09 -32.87 22.13
N MET C 155 0.93 -32.81 22.78
CA MET C 155 -0.31 -32.72 22.09
C MET C 155 -0.39 -31.38 21.35
N ALA C 156 0.20 -30.33 21.96
CA ALA C 156 0.29 -29.06 21.26
C ALA C 156 1.17 -29.24 20.02
N GLY C 157 2.34 -29.88 20.16
CA GLY C 157 3.18 -30.15 19.00
C GLY C 157 2.33 -30.86 17.92
N ASP C 158 1.47 -31.79 18.34
CA ASP C 158 0.69 -32.56 17.37
C ASP C 158 -0.27 -31.65 16.60
N ILE C 159 -0.83 -30.64 17.29
CA ILE C 159 -1.76 -29.78 16.66
C ILE C 159 -1.05 -28.91 15.62
N ILE C 160 0.21 -28.55 15.88
CA ILE C 160 0.95 -27.76 14.93
C ILE C 160 1.18 -28.57 13.64
N LEU C 161 1.39 -29.88 13.80
CA LEU C 161 1.60 -30.72 12.64
C LEU C 161 0.34 -30.74 11.82
N LEU C 162 -0.82 -30.49 12.46
CA LEU C 162 -2.07 -30.59 11.74
C LEU C 162 -2.30 -29.43 10.79
N LEU C 163 -1.42 -28.41 10.83
CA LEU C 163 -1.31 -27.44 9.72
C LEU C 163 -1.06 -28.15 8.39
N ASP C 164 -0.52 -29.36 8.45
CA ASP C 164 -0.29 -30.16 7.21
C ASP C 164 -1.36 -31.21 6.92
N SER C 165 -2.47 -31.16 7.63
CA SER C 165 -3.62 -32.00 7.33
C SER C 165 -4.12 -31.78 5.91
N ASP C 166 -4.69 -32.80 5.30
CA ASP C 166 -5.31 -32.68 3.99
C ASP C 166 -6.76 -32.22 4.13
N ASN C 167 -7.22 -32.07 5.38
CA ASN C 167 -8.55 -31.54 5.66
C ASN C 167 -8.57 -30.02 5.94
N ASP C 168 -9.38 -29.31 5.17
CA ASP C 168 -9.42 -27.84 5.23
C ASP C 168 -9.93 -27.30 6.58
N GLY C 169 -10.90 -27.98 7.18
CA GLY C 169 -11.43 -27.54 8.46
C GLY C 169 -10.51 -27.78 9.64
N ILE C 170 -9.75 -28.86 9.58
CA ILE C 170 -8.73 -29.16 10.57
C ILE C 170 -7.62 -28.12 10.52
N ARG C 171 -7.17 -27.78 9.33
CA ARG C 171 -6.19 -26.72 9.18
C ARG C 171 -6.66 -25.39 9.80
N THR C 172 -7.90 -24.99 9.53
CA THR C 172 -8.46 -23.79 10.12
C THR C 172 -8.40 -23.82 11.66
N HIS C 173 -8.81 -24.93 12.27
CA HIS C 173 -8.82 -25.04 13.74
C HIS C 173 -7.39 -25.03 14.28
N ALA C 174 -6.50 -25.68 13.55
CA ALA C 174 -5.10 -25.74 13.94
C ALA C 174 -4.51 -24.31 13.99
N ILE C 175 -4.86 -23.51 12.96
CA ILE C 175 -4.41 -22.13 12.87
C ILE C 175 -4.79 -21.37 14.15
N LYS C 176 -6.05 -21.50 14.54
CA LYS C 176 -6.51 -20.85 15.76
C LYS C 176 -5.74 -21.37 16.95
N PHE C 177 -5.43 -22.66 16.97
CA PHE C 177 -4.69 -23.12 18.13
C PHE C 177 -3.28 -22.52 18.13
N VAL C 178 -2.66 -22.51 16.97
CA VAL C 178 -1.31 -21.97 16.89
C VAL C 178 -1.30 -20.47 17.27
N GLU C 179 -2.28 -19.72 16.76
CA GLU C 179 -2.51 -18.34 17.15
C GLU C 179 -2.38 -18.19 18.69
N GLY C 180 -3.16 -18.99 19.42
CA GLY C 180 -3.26 -18.86 20.91
C GLY C 180 -1.92 -19.22 21.50
N LEU C 181 -1.28 -20.22 20.86
CA LEU C 181 -0.04 -20.71 21.34
C LEU C 181 1.07 -19.64 21.19
N ILE C 182 1.17 -19.00 20.02
CA ILE C 182 2.10 -17.89 19.80
C ILE C 182 1.92 -16.75 20.82
N VAL C 183 0.68 -16.43 21.13
CA VAL C 183 0.42 -15.35 22.09
C VAL C 183 0.75 -15.75 23.53
N THR C 184 0.37 -16.97 23.91
CA THR C 184 0.68 -17.45 25.24
C THR C 184 2.19 -17.55 25.43
N LEU C 185 2.92 -17.96 24.40
CA LEU C 185 4.36 -18.16 24.59
C LEU C 185 5.25 -16.99 24.20
N SER C 186 4.70 -15.77 24.24
CA SER C 186 5.48 -14.58 24.08
C SER C 186 5.01 -13.54 25.14
N PRO C 187 5.88 -12.58 25.50
CA PRO C 187 5.55 -11.68 26.64
C PRO C 187 4.59 -10.52 26.32
N ARG C 188 3.67 -10.19 27.25
CA ARG C 188 2.91 -8.94 27.17
C ARG C 188 3.93 -7.82 27.23
N MET C 189 3.69 -6.76 26.48
CA MET C 189 4.52 -5.56 26.51
C MET C 189 3.58 -4.40 26.82
N ALA C 190 4.17 -3.23 27.12
CA ALA C 190 3.44 -2.04 27.57
C ALA C 190 2.36 -1.65 26.55
N ASP C 191 2.68 -1.79 25.28
CA ASP C 191 1.77 -1.42 24.23
C ASP C 191 0.85 -2.55 23.71
N SER C 192 0.91 -3.74 24.33
CA SER C 192 -0.03 -4.84 23.98
C SER C 192 -1.47 -4.46 24.18
N GLU C 193 -2.30 -4.84 23.22
CA GLU C 193 -3.74 -4.75 23.38
C GLU C 193 -4.31 -6.04 23.90
N ILE C 194 -4.94 -5.98 25.05
CA ILE C 194 -5.44 -7.19 25.64
C ILE C 194 -6.94 -7.26 25.77
N PRO C 195 -7.55 -8.21 25.03
CA PRO C 195 -8.97 -8.52 25.20
C PRO C 195 -9.33 -8.56 26.67
N ARG C 196 -10.45 -7.92 26.98
CA ARG C 196 -10.98 -7.91 28.35
C ARG C 196 -10.93 -9.31 28.98
N ARG C 197 -11.46 -10.30 28.28
CA ARG C 197 -11.56 -11.65 28.83
C ARG C 197 -10.22 -12.35 29.12
N GLN C 198 -9.17 -11.96 28.43
CA GLN C 198 -7.90 -12.67 28.53
C GLN C 198 -6.92 -11.96 29.44
N GLU C 199 -7.44 -11.06 30.26
CA GLU C 199 -6.63 -10.18 31.09
C GLU C 199 -5.80 -10.95 32.11
N HIS C 200 -6.29 -12.10 32.55
CA HIS C 200 -5.59 -12.90 33.53
C HIS C 200 -5.04 -14.20 32.99
N ASP C 201 -5.07 -14.35 31.66
CA ASP C 201 -4.38 -15.46 31.00
C ASP C 201 -2.88 -15.34 31.20
N ILE C 202 -2.26 -16.49 31.38
CA ILE C 202 -0.81 -16.53 31.53
C ILE C 202 -0.16 -16.10 30.23
N SER C 203 1.02 -15.52 30.36
CA SER C 203 1.87 -15.26 29.22
C SER C 203 3.34 -15.45 29.64
N LEU C 204 4.23 -15.43 28.66
CA LEU C 204 5.64 -15.70 28.92
C LEU C 204 6.27 -14.79 29.98
N ASP C 205 5.94 -13.50 29.99
CA ASP C 205 6.45 -12.58 31.04
C ASP C 205 6.09 -12.97 32.50
N ARG C 206 5.10 -13.84 32.66
CA ARG C 206 4.61 -14.30 33.99
C ARG C 206 5.46 -15.45 34.56
N ILE C 207 6.37 -15.98 33.74
CA ILE C 207 7.14 -17.16 34.12
C ILE C 207 8.50 -16.76 34.65
N PRO C 208 8.81 -17.10 35.90
CA PRO C 208 10.11 -16.69 36.43
C PRO C 208 11.24 -17.50 35.83
N ARG C 209 12.40 -16.87 35.72
CA ARG C 209 13.56 -17.50 35.11
C ARG C 209 14.13 -18.68 35.87
N ASP C 210 13.87 -18.76 37.16
CA ASP C 210 14.33 -19.91 37.93
C ASP C 210 13.16 -20.83 38.33
N HIS C 211 12.11 -20.89 37.55
CA HIS C 211 11.08 -21.85 37.85
C HIS C 211 11.69 -23.27 37.87
N PRO C 212 11.38 -24.07 38.89
CA PRO C 212 11.89 -25.47 38.99
C PRO C 212 11.54 -26.40 37.80
N TYR C 213 10.37 -26.25 37.19
CA TYR C 213 9.94 -27.18 36.14
C TYR C 213 9.70 -26.59 34.76
N ILE C 214 9.17 -25.37 34.70
CA ILE C 214 8.86 -24.72 33.43
C ILE C 214 10.03 -23.82 33.05
N GLN C 215 10.55 -24.04 31.85
CA GLN C 215 11.74 -23.32 31.43
C GLN C 215 11.38 -22.23 30.46
N TYR C 216 11.51 -21.00 30.92
CA TYR C 216 11.15 -19.82 30.14
C TYR C 216 11.78 -19.83 28.74
N ASN C 217 13.08 -20.17 28.66
CA ASN C 217 13.81 -20.16 27.39
C ASN C 217 13.37 -21.23 26.40
N VAL C 218 12.88 -22.36 26.89
CA VAL C 218 12.36 -23.40 26.02
C VAL C 218 11.05 -22.96 25.38
N LEU C 219 10.12 -22.45 26.20
CA LEU C 219 8.84 -21.97 25.67
C LEU C 219 8.96 -20.80 24.70
N TRP C 220 9.93 -19.92 24.94
CA TRP C 220 10.21 -18.85 24.01
C TRP C 220 10.59 -19.42 22.64
N GLU C 221 11.51 -20.41 22.64
CA GLU C 221 11.92 -21.07 21.39
C GLU C 221 10.71 -21.67 20.69
N GLU C 222 9.83 -22.29 21.48
CA GLU C 222 8.60 -22.90 20.96
C GLU C 222 7.58 -21.92 20.40
N GLY C 223 7.42 -20.75 21.04
CA GLY C 223 6.48 -19.76 20.54
C GLY C 223 6.98 -19.18 19.23
N LYS C 224 8.30 -18.96 19.16
CA LYS C 224 8.96 -18.51 17.94
C LYS C 224 8.89 -19.54 16.78
N ALA C 225 9.19 -20.80 17.07
CA ALA C 225 9.10 -21.87 16.08
C ALA C 225 7.66 -21.92 15.52
N ALA C 226 6.68 -21.72 16.40
CA ALA C 226 5.30 -21.77 15.98
C ALA C 226 4.90 -20.60 15.07
N LEU C 227 5.38 -19.40 15.39
CA LEU C 227 5.18 -18.25 14.52
C LEU C 227 5.80 -18.50 13.14
N GLU C 228 7.02 -19.02 13.11
CA GLU C 228 7.66 -19.29 11.85
C GLU C 228 6.86 -20.37 11.06
N GLN C 229 6.35 -21.39 11.73
CA GLN C 229 5.50 -22.37 11.05
C GLN C 229 4.27 -21.66 10.43
N LEU C 230 3.71 -20.69 11.12
CA LEU C 230 2.52 -20.02 10.64
C LEU C 230 2.81 -19.11 9.44
N LEU C 231 3.90 -18.37 9.50
CA LEU C 231 4.35 -17.52 8.40
C LEU C 231 4.63 -18.33 7.15
N LYS C 232 5.33 -19.45 7.30
CA LYS C 232 5.61 -20.35 6.17
C LYS C 232 4.35 -20.88 5.49
N PHE C 233 3.37 -21.22 6.31
CA PHE C 233 2.13 -21.80 5.85
C PHE C 233 1.35 -20.81 4.99
N MET C 234 1.42 -19.54 5.34
CA MET C 234 0.78 -18.47 4.57
C MET C 234 1.29 -18.20 3.18
N VAL C 235 2.57 -18.47 2.96
CA VAL C 235 3.18 -18.25 1.64
C VAL C 235 3.19 -19.52 0.83
N HIS C 236 2.66 -20.62 1.37
CA HIS C 236 2.54 -21.82 0.55
C HIS C 236 1.52 -21.63 -0.59
N PRO C 237 1.97 -21.84 -1.85
CA PRO C 237 1.19 -21.63 -3.06
C PRO C 237 -0.14 -22.41 -3.09
N ALA C 238 -0.25 -23.48 -2.32
CA ALA C 238 -1.45 -24.30 -2.39
C ALA C 238 -2.52 -23.91 -1.35
N ILE C 239 -2.28 -22.86 -0.57
CA ILE C 239 -3.19 -22.56 0.53
C ILE C 239 -4.60 -22.25 0.05
N SER C 240 -5.58 -22.67 0.84
CA SER C 240 -7.00 -22.41 0.51
C SER C 240 -7.47 -21.00 0.94
N SER C 241 -8.61 -20.62 0.41
CA SER C 241 -9.31 -19.39 0.74
C SER C 241 -9.55 -19.24 2.24
N ILE C 242 -10.26 -20.19 2.82
CA ILE C 242 -10.57 -20.13 4.23
C ILE C 242 -9.33 -20.12 5.13
N ASN C 243 -8.35 -20.98 4.84
CA ASN C 243 -7.15 -21.08 5.68
C ASN C 243 -6.36 -19.81 5.53
N LEU C 244 -6.39 -19.22 4.33
CA LEU C 244 -5.67 -17.98 4.14
C LEU C 244 -6.34 -16.85 4.95
N THR C 245 -7.67 -16.76 4.96
CA THR C 245 -8.25 -15.63 5.72
C THR C 245 -8.15 -15.85 7.23
N THR C 246 -8.31 -17.08 7.70
CA THR C 246 -8.02 -17.40 9.10
C THR C 246 -6.59 -16.98 9.53
N ALA C 247 -5.58 -17.44 8.81
CA ALA C 247 -4.21 -17.01 9.07
C ALA C 247 -3.98 -15.45 9.08
N LEU C 248 -4.57 -14.78 8.12
CA LEU C 248 -4.51 -13.32 8.07
C LEU C 248 -5.04 -12.72 9.32
N GLY C 249 -6.18 -13.20 9.80
CA GLY C 249 -6.83 -12.68 10.99
C GLY C 249 -5.98 -12.98 12.22
N SER C 250 -5.41 -14.18 12.24
CA SER C 250 -4.56 -14.60 13.34
C SER C 250 -3.29 -13.75 13.47
N LEU C 251 -2.64 -13.38 12.36
CA LEU C 251 -1.45 -12.56 12.44
C LEU C 251 -1.81 -11.17 12.93
N ALA C 252 -3.01 -10.74 12.58
CA ALA C 252 -3.49 -9.45 13.05
C ALA C 252 -3.72 -9.48 14.55
N ASN C 253 -4.28 -10.57 15.07
CA ASN C 253 -4.53 -10.60 16.50
C ASN C 253 -3.16 -10.65 17.15
N ILE C 254 -2.25 -11.39 16.54
CA ILE C 254 -0.92 -11.56 17.11
C ILE C 254 -0.20 -10.23 17.14
N ALA C 255 -0.31 -9.44 16.09
CA ALA C 255 0.50 -8.24 16.02
C ALA C 255 0.05 -7.20 17.06
N ARG C 256 -1.24 -7.22 17.37
CA ARG C 256 -1.85 -6.28 18.28
C ARG C 256 -1.56 -6.62 19.73
N GLN C 257 -1.60 -7.92 20.02
CA GLN C 257 -1.39 -8.40 21.39
C GLN C 257 0.12 -8.53 21.66
N ARG C 258 0.89 -8.58 20.59
CA ARG C 258 2.33 -8.80 20.70
C ARG C 258 3.03 -7.92 19.66
N PRO C 259 3.03 -6.60 19.88
CA PRO C 259 3.58 -5.67 18.90
C PRO C 259 5.04 -5.90 18.48
N MET C 260 5.82 -6.59 19.29
CA MET C 260 7.17 -6.99 18.83
C MET C 260 7.16 -7.80 17.52
N PHE C 261 6.06 -8.47 17.20
CA PHE C 261 6.05 -9.21 15.93
C PHE C 261 5.49 -8.39 14.77
N MET C 262 5.24 -7.11 15.04
CA MET C 262 4.43 -6.32 14.15
C MET C 262 5.08 -6.37 12.79
N SER C 263 6.41 -6.37 12.79
CA SER C 263 7.22 -6.30 11.59
C SER C 263 7.18 -7.54 10.72
N GLU C 264 7.21 -8.70 11.37
CA GLU C 264 7.02 -9.99 10.70
C GLU C 264 5.65 -10.06 10.00
N VAL C 265 4.61 -9.62 10.68
CA VAL C 265 3.25 -9.67 10.18
C VAL C 265 3.05 -8.78 8.94
N ILE C 266 3.54 -7.54 9.01
CA ILE C 266 3.38 -6.63 7.87
C ILE C 266 4.08 -7.24 6.65
N GLN C 267 5.24 -7.81 6.89
CA GLN C 267 6.03 -8.38 5.85
C GLN C 267 5.30 -9.55 5.18
N ALA C 268 4.67 -10.39 6.00
CA ALA C 268 3.93 -11.49 5.45
C ALA C 268 2.76 -10.96 4.59
N TYR C 269 2.08 -9.90 5.04
CA TYR C 269 1.04 -9.27 4.25
C TYR C 269 1.53 -8.77 2.90
N GLU C 270 2.74 -8.18 2.90
CA GLU C 270 3.34 -7.62 1.70
C GLU C 270 3.64 -8.76 0.77
N THR C 271 4.19 -9.84 1.36
CA THR C 271 4.59 -11.00 0.59
C THR C 271 3.37 -11.62 -0.08
N LEU C 272 2.30 -11.78 0.68
CA LEU C 272 1.06 -12.32 0.17
C LEU C 272 0.46 -11.43 -0.94
N HIS C 273 0.49 -10.11 -0.73
CA HIS C 273 -0.09 -9.18 -1.70
C HIS C 273 0.70 -9.16 -3.00
N ALA C 274 2.00 -9.40 -2.93
CA ALA C 274 2.77 -9.46 -4.18
C ALA C 274 2.74 -10.85 -4.80
N ASN C 275 2.14 -11.82 -4.13
CA ASN C 275 2.23 -13.22 -4.55
C ASN C 275 0.90 -13.95 -4.45
N LEU C 276 -0.06 -13.59 -5.27
CA LEU C 276 -1.35 -14.26 -5.13
C LEU C 276 -1.24 -15.75 -5.41
N PRO C 277 -1.74 -16.57 -4.46
CA PRO C 277 -1.77 -18.03 -4.52
C PRO C 277 -2.54 -18.48 -5.75
N PRO C 278 -1.91 -19.29 -6.59
CA PRO C 278 -2.57 -19.50 -7.88
C PRO C 278 -3.73 -20.52 -7.92
N THR C 279 -4.16 -21.09 -6.78
CA THR C 279 -5.32 -22.03 -6.78
C THR C 279 -6.65 -21.40 -6.37
N LEU C 280 -6.60 -20.17 -5.88
CA LEU C 280 -7.81 -19.43 -5.50
C LEU C 280 -8.67 -19.03 -6.72
N ALA C 281 -9.97 -19.33 -6.66
CA ALA C 281 -10.88 -18.82 -7.68
C ALA C 281 -11.15 -17.31 -7.54
N LYS C 282 -11.63 -16.71 -8.64
CA LYS C 282 -11.97 -15.30 -8.69
C LYS C 282 -12.67 -14.77 -7.41
N SER C 283 -13.71 -15.44 -6.94
CA SER C 283 -14.44 -14.92 -5.82
C SER C 283 -13.71 -15.19 -4.51
N GLN C 284 -12.70 -16.06 -4.57
CA GLN C 284 -11.88 -16.33 -3.40
C GLN C 284 -10.85 -15.23 -3.26
N VAL C 285 -10.24 -14.87 -4.39
CA VAL C 285 -9.36 -13.73 -4.45
C VAL C 285 -10.08 -12.50 -3.90
N SER C 286 -11.30 -12.24 -4.36
CA SER C 286 -12.10 -11.16 -3.74
C SER C 286 -12.26 -11.28 -2.22
N SER C 287 -12.67 -12.45 -1.74
CA SER C 287 -12.94 -12.65 -0.32
C SER C 287 -11.68 -12.47 0.50
N VAL C 288 -10.57 -13.04 0.05
CA VAL C 288 -9.30 -12.86 0.75
C VAL C 288 -8.89 -11.36 0.73
N ARG C 289 -8.98 -10.71 -0.43
CA ARG C 289 -8.61 -9.28 -0.45
C ARG C 289 -9.39 -8.39 0.54
N LYS C 290 -10.69 -8.65 0.67
CA LYS C 290 -11.54 -7.86 1.58
C LYS C 290 -11.11 -8.09 3.00
N ASN C 291 -10.58 -9.26 3.29
CA ASN C 291 -10.11 -9.53 4.63
C ASN C 291 -8.71 -8.96 4.89
N LEU C 292 -7.82 -9.03 3.91
CA LEU C 292 -6.58 -8.27 3.99
C LEU C 292 -6.86 -6.80 4.37
N LYS C 293 -7.73 -6.17 3.63
CA LYS C 293 -8.07 -4.79 3.86
C LYS C 293 -8.49 -4.58 5.33
N LEU C 294 -9.43 -5.40 5.76
CA LEU C 294 -9.99 -5.22 7.06
C LEU C 294 -8.97 -5.43 8.19
N HIS C 295 -8.11 -6.43 8.02
CA HIS C 295 -7.12 -6.68 9.03
C HIS C 295 -5.94 -5.67 9.04
N LEU C 296 -5.63 -5.10 7.89
CA LEU C 296 -4.71 -4.02 7.80
C LEU C 296 -5.32 -2.82 8.48
N LEU C 297 -6.62 -2.61 8.33
CA LEU C 297 -7.22 -1.44 8.96
C LEU C 297 -7.10 -1.52 10.47
N SER C 298 -7.28 -2.72 11.00
CA SER C 298 -7.27 -2.87 12.46
C SER C 298 -5.87 -2.86 13.04
N VAL C 299 -4.88 -3.31 12.27
CA VAL C 299 -3.48 -3.17 12.63
C VAL C 299 -3.00 -1.68 12.57
N LEU C 300 -3.42 -0.95 11.55
CA LEU C 300 -3.10 0.45 11.44
C LEU C 300 -3.50 1.28 12.69
N LYS C 301 -4.57 0.85 13.35
CA LYS C 301 -5.19 1.53 14.51
C LYS C 301 -4.33 1.38 15.75
N HIS C 302 -3.50 0.34 15.77
CA HIS C 302 -2.61 0.09 16.88
C HIS C 302 -1.48 1.09 16.85
N PRO C 303 -1.15 1.68 18.02
CA PRO C 303 -0.18 2.79 18.02
C PRO C 303 1.19 2.34 17.55
N ALA C 304 1.51 1.07 17.72
CA ALA C 304 2.81 0.56 17.31
C ALA C 304 2.89 0.33 15.81
N SER C 305 1.84 0.69 15.08
CA SER C 305 1.88 0.56 13.63
C SER C 305 2.58 1.78 13.02
N LEU C 306 2.91 2.74 13.88
CA LEU C 306 3.51 4.00 13.44
C LEU C 306 4.71 3.77 12.49
N GLU C 307 5.64 2.91 12.89
CA GLU C 307 6.84 2.72 12.07
C GLU C 307 6.59 1.92 10.78
N PHE C 308 5.39 1.43 10.59
CA PHE C 308 5.08 0.65 9.40
C PHE C 308 3.96 1.27 8.57
N GLN C 309 3.61 2.52 8.89
CA GLN C 309 2.49 3.21 8.24
C GLN C 309 2.54 3.20 6.73
N ALA C 310 3.72 3.49 6.16
CA ALA C 310 3.85 3.60 4.73
C ALA C 310 3.60 2.25 4.06
N GLN C 311 4.15 1.19 4.63
CA GLN C 311 3.84 -0.14 4.11
C GLN C 311 2.34 -0.53 4.24
N ILE C 312 1.72 -0.26 5.39
CA ILE C 312 0.31 -0.62 5.58
C ILE C 312 -0.57 0.15 4.62
N THR C 313 -0.30 1.44 4.55
CA THR C 313 -1.05 2.40 3.77
C THR C 313 -0.88 2.15 2.27
N THR C 314 0.32 1.79 1.82
CA THR C 314 0.53 1.46 0.42
C THR C 314 -0.35 0.29 0.03
N LEU C 315 -0.34 -0.74 0.88
CA LEU C 315 -1.19 -1.87 0.69
C LEU C 315 -2.66 -1.49 0.71
N LEU C 316 -3.05 -0.69 1.70
CA LEU C 316 -4.44 -0.20 1.77
C LEU C 316 -4.90 0.46 0.46
N VAL C 317 -4.07 1.34 -0.10
CA VAL C 317 -4.44 2.08 -1.30
C VAL C 317 -4.49 1.21 -2.54
N ASP C 318 -3.55 0.28 -2.63
CA ASP C 318 -3.53 -0.67 -3.73
C ASP C 318 -4.78 -1.57 -3.73
N LEU C 319 -5.29 -1.88 -2.55
CA LEU C 319 -6.53 -2.62 -2.44
C LEU C 319 -7.77 -1.75 -2.72
N GLY C 320 -7.58 -0.46 -3.01
CA GLY C 320 -8.72 0.39 -3.32
C GLY C 320 -9.41 1.05 -2.13
N THR C 321 -8.78 1.11 -0.97
CA THR C 321 -9.40 1.66 0.24
C THR C 321 -9.60 3.17 0.12
N PRO C 322 -10.84 3.67 0.31
CA PRO C 322 -10.99 5.14 0.20
C PRO C 322 -10.15 5.87 1.25
N GLN C 323 -9.65 7.05 0.87
CA GLN C 323 -8.78 7.82 1.72
C GLN C 323 -9.38 8.12 3.10
N ALA C 324 -10.65 8.51 3.11
CA ALA C 324 -11.36 8.85 4.34
C ALA C 324 -11.37 7.68 5.33
N GLU C 325 -11.48 6.45 4.83
CA GLU C 325 -11.53 5.27 5.67
C GLU C 325 -10.16 5.01 6.33
N ILE C 326 -9.09 5.31 5.59
CA ILE C 326 -7.73 5.18 6.08
C ILE C 326 -7.48 6.15 7.24
N ALA C 327 -7.91 7.40 7.04
CA ALA C 327 -7.77 8.44 8.04
C ALA C 327 -8.54 8.05 9.30
N ARG C 328 -9.76 7.61 9.12
CA ARG C 328 -10.64 7.18 10.20
C ARG C 328 -10.03 6.06 11.02
N ASN C 329 -9.00 5.40 10.50
CA ASN C 329 -8.40 4.24 11.18
C ASN C 329 -6.93 4.44 11.55
N MET C 330 -6.50 5.69 11.65
CA MET C 330 -5.18 6.02 12.20
C MET C 330 -5.15 5.83 13.73
N PRO C 331 -3.95 5.68 14.33
CA PRO C 331 -3.90 5.56 15.80
C PRO C 331 -4.58 6.74 16.57
N SER D 23 -27.32 -35.05 6.78
CA SER D 23 -26.10 -35.41 7.56
C SER D 23 -25.22 -34.21 7.94
N SER D 24 -25.86 -33.05 8.14
CA SER D 24 -25.22 -31.85 8.71
C SER D 24 -26.26 -30.83 9.22
N PRO D 25 -27.16 -31.23 10.19
CA PRO D 25 -28.31 -30.34 10.55
C PRO D 25 -27.87 -28.90 10.86
N LEU D 26 -27.78 -28.11 9.79
CA LEU D 26 -27.28 -26.74 9.78
C LEU D 26 -28.14 -25.76 10.52
N ARG D 27 -27.56 -25.04 11.48
CA ARG D 27 -28.14 -23.83 12.05
C ARG D 27 -27.80 -22.64 11.13
N VAL D 28 -28.82 -22.04 10.51
CA VAL D 28 -28.60 -20.98 9.53
C VAL D 28 -29.11 -19.62 10.00
N ALA D 29 -28.42 -18.54 9.62
CA ALA D 29 -28.95 -17.17 9.75
C ALA D 29 -28.98 -16.55 8.38
N VAL D 30 -30.01 -15.77 8.09
CA VAL D 30 -30.03 -15.02 6.85
C VAL D 30 -30.14 -13.53 7.18
N VAL D 31 -29.28 -12.70 6.59
CA VAL D 31 -29.21 -11.29 6.98
C VAL D 31 -29.42 -10.39 5.79
N SER D 32 -30.34 -9.44 5.90
CA SER D 32 -30.53 -8.42 4.87
C SER D 32 -30.28 -7.12 5.60
N SER D 33 -30.79 -6.00 5.12
CA SER D 33 -30.48 -4.74 5.84
C SER D 33 -31.54 -4.31 6.83
N SER D 34 -32.78 -4.32 6.42
CA SER D 34 -33.86 -3.98 7.31
C SER D 34 -34.58 -5.16 7.97
N ASN D 35 -34.33 -6.41 7.54
CA ASN D 35 -35.05 -7.62 8.02
C ASN D 35 -36.54 -7.63 7.66
N GLN D 36 -36.85 -7.21 6.43
CA GLN D 36 -38.25 -7.10 5.96
C GLN D 36 -38.50 -7.95 4.73
N ASN D 37 -37.56 -7.94 3.80
CA ASN D 37 -37.87 -8.44 2.47
C ASN D 37 -36.99 -9.65 2.16
N ARG D 38 -35.77 -9.42 1.73
CA ARG D 38 -34.90 -10.57 1.34
C ARG D 38 -34.67 -11.61 2.44
N SER D 39 -34.30 -11.14 3.64
CA SER D 39 -34.09 -12.06 4.77
C SER D 39 -35.37 -12.77 5.21
N MET D 40 -36.52 -12.09 5.12
CA MET D 40 -37.74 -12.70 5.61
C MET D 40 -38.36 -13.76 4.66
N GLU D 41 -38.18 -13.52 3.35
CA GLU D 41 -38.61 -14.47 2.34
C GLU D 41 -37.75 -15.76 2.47
N ALA D 42 -36.46 -15.57 2.73
CA ALA D 42 -35.60 -16.75 2.88
C ALA D 42 -35.95 -17.48 4.19
N HIS D 43 -36.20 -16.68 5.25
CA HIS D 43 -36.59 -17.22 6.54
C HIS D 43 -37.80 -18.16 6.33
N ASN D 44 -38.82 -17.67 5.65
CA ASN D 44 -40.06 -18.41 5.41
C ASN D 44 -39.83 -19.70 4.60
N ILE D 45 -39.09 -19.62 3.48
CA ILE D 45 -38.81 -20.79 2.68
C ILE D 45 -38.05 -21.81 3.53
N LEU D 46 -36.91 -21.43 4.09
CA LEU D 46 -36.05 -22.36 4.85
C LEU D 46 -36.78 -22.94 6.08
N SER D 47 -37.58 -22.12 6.74
CA SER D 47 -38.34 -22.55 7.85
C SER D 47 -39.36 -23.58 7.41
N LYS D 48 -40.08 -23.33 6.31
CA LYS D 48 -41.12 -24.30 5.86
C LYS D 48 -40.56 -25.64 5.40
N ARG D 49 -39.31 -25.67 4.95
CA ARG D 49 -38.71 -26.93 4.51
C ARG D 49 -37.82 -27.60 5.58
N GLY D 50 -38.06 -27.31 6.86
CA GLY D 50 -37.35 -27.98 7.97
C GLY D 50 -36.01 -27.47 8.51
N PHE D 51 -35.50 -26.33 8.04
CA PHE D 51 -34.28 -25.75 8.61
C PHE D 51 -34.45 -25.01 9.94
N SER D 52 -33.40 -25.11 10.74
CA SER D 52 -33.26 -24.25 11.89
C SER D 52 -32.72 -22.92 11.35
N VAL D 53 -33.51 -21.86 11.48
CA VAL D 53 -33.17 -20.58 10.81
C VAL D 53 -33.63 -19.36 11.63
N ARG D 54 -32.82 -18.30 11.67
CA ARG D 54 -33.18 -16.98 12.21
C ARG D 54 -32.82 -15.94 11.17
N SER D 55 -33.42 -14.76 11.30
CA SER D 55 -33.14 -13.72 10.30
C SER D 55 -32.87 -12.41 10.98
N PHE D 56 -32.14 -11.56 10.27
CA PHE D 56 -31.66 -10.31 10.87
C PHE D 56 -31.51 -9.25 9.81
N GLY D 57 -31.46 -8.01 10.28
CA GLY D 57 -31.01 -6.86 9.47
C GLY D 57 -29.78 -6.28 10.15
N THR D 58 -28.94 -5.65 9.35
CA THR D 58 -27.74 -5.01 9.86
C THR D 58 -27.84 -3.52 9.80
N GLY D 59 -28.95 -2.99 9.27
CA GLY D 59 -29.13 -1.51 9.26
C GLY D 59 -29.31 -0.94 10.67
N THR D 60 -29.31 0.37 10.76
CA THR D 60 -29.50 1.03 12.03
C THR D 60 -30.97 1.12 12.38
N HIS D 61 -31.79 1.27 11.35
CA HIS D 61 -33.22 1.38 11.53
C HIS D 61 -33.90 0.53 10.50
N VAL D 62 -35.18 0.28 10.69
CA VAL D 62 -35.97 -0.42 9.69
C VAL D 62 -36.44 0.65 8.72
N LYS D 63 -36.18 0.43 7.44
CA LYS D 63 -36.59 1.39 6.41
C LYS D 63 -37.45 0.74 5.34
N LEU D 64 -38.63 1.30 5.20
CA LEU D 64 -39.66 0.83 4.31
C LEU D 64 -39.96 1.94 3.33
N PRO D 65 -40.19 1.62 2.03
CA PRO D 65 -40.51 2.66 1.03
C PRO D 65 -41.78 3.44 1.39
N GLY D 66 -41.81 4.71 1.00
CA GLY D 66 -42.97 5.56 1.19
C GLY D 66 -43.53 6.08 -0.12
N PRO D 67 -44.21 7.25 -0.08
CA PRO D 67 -44.88 7.75 -1.31
C PRO D 67 -43.90 8.35 -2.32
N ALA D 68 -42.66 8.52 -1.91
CA ALA D 68 -41.62 9.18 -2.70
C ALA D 68 -40.32 8.53 -2.23
N PRO D 69 -39.25 8.52 -3.05
CA PRO D 69 -38.01 7.84 -2.65
C PRO D 69 -37.24 8.57 -1.54
N ASP D 70 -37.62 9.81 -1.23
CA ASP D 70 -36.99 10.50 -0.13
C ASP D 70 -37.98 10.71 1.02
N LYS D 71 -39.09 9.99 0.98
CA LYS D 71 -39.96 9.93 2.15
C LYS D 71 -40.15 8.51 2.64
N PRO D 72 -39.04 7.86 3.08
CA PRO D 72 -39.14 6.50 3.59
C PRO D 72 -39.82 6.50 4.95
N ASN D 73 -40.45 5.38 5.28
CA ASN D 73 -40.99 5.10 6.61
C ASN D 73 -39.91 4.39 7.39
N VAL D 74 -39.65 4.91 8.58
CA VAL D 74 -38.44 4.63 9.32
C VAL D 74 -38.84 4.30 10.76
N TYR D 75 -38.44 3.12 11.22
CA TYR D 75 -38.78 2.70 12.55
C TYR D 75 -37.57 2.18 13.20
N ASP D 76 -37.58 2.33 14.51
CA ASP D 76 -36.68 1.65 15.38
C ASP D 76 -36.90 0.14 15.31
N PHE D 77 -35.85 -0.64 15.51
CA PHE D 77 -36.02 -2.09 15.55
C PHE D 77 -36.92 -2.67 16.65
N LYS D 78 -37.19 -1.90 17.71
CA LYS D 78 -38.14 -2.32 18.76
C LYS D 78 -39.57 -2.50 18.26
N THR D 79 -39.95 -1.81 17.19
CA THR D 79 -41.30 -1.82 16.65
C THR D 79 -41.73 -3.16 16.04
N THR D 80 -42.93 -3.63 16.38
CA THR D 80 -43.40 -4.94 15.87
C THR D 80 -43.78 -4.80 14.39
N TYR D 81 -43.85 -5.92 13.65
CA TYR D 81 -44.38 -5.85 12.28
C TYR D 81 -45.81 -5.33 12.28
N ASP D 82 -46.55 -5.67 13.33
CA ASP D 82 -47.97 -5.34 13.40
C ASP D 82 -48.20 -3.84 13.63
N GLN D 83 -47.37 -3.22 14.43
CA GLN D 83 -47.41 -1.77 14.60
C GLN D 83 -47.07 -1.06 13.28
N MET D 84 -46.09 -1.56 12.52
CA MET D 84 -45.79 -0.99 11.20
C MET D 84 -47.00 -1.18 10.31
N TYR D 85 -47.57 -2.37 10.36
CA TYR D 85 -48.73 -2.67 9.53
C TYR D 85 -49.86 -1.64 9.75
N ASN D 86 -50.16 -1.34 11.02
CA ASN D 86 -51.27 -0.45 11.35
C ASN D 86 -50.95 0.99 11.08
N ASP D 87 -49.67 1.33 11.16
CA ASP D 87 -49.26 2.68 10.91
C ASP D 87 -49.39 3.00 9.42
N LEU D 88 -48.92 2.08 8.57
CA LEU D 88 -49.08 2.24 7.12
C LEU D 88 -50.55 2.22 6.64
N LEU D 89 -51.37 1.42 7.31
CA LEU D 89 -52.80 1.32 6.99
C LEU D 89 -53.57 2.60 7.30
N ARG D 90 -53.09 3.30 8.31
CA ARG D 90 -53.66 4.53 8.80
C ARG D 90 -52.99 5.71 8.10
N LYS D 91 -51.98 5.46 7.29
CA LYS D 91 -51.29 6.52 6.57
C LYS D 91 -51.82 6.60 5.15
N ASP D 92 -51.98 5.43 4.51
CA ASP D 92 -52.39 5.31 3.10
C ASP D 92 -52.61 3.86 2.66
N LYS D 93 -53.79 3.33 2.91
CA LYS D 93 -54.09 1.93 2.63
C LYS D 93 -54.00 1.63 1.13
N GLU D 94 -54.31 2.62 0.29
CA GLU D 94 -54.17 2.55 -1.17
C GLU D 94 -52.75 2.19 -1.57
N LEU D 95 -51.83 3.05 -1.18
CA LEU D 95 -50.45 2.93 -1.60
C LEU D 95 -49.85 1.61 -1.10
N TYR D 96 -50.14 1.26 0.15
CA TYR D 96 -49.42 0.17 0.78
C TYR D 96 -50.04 -1.21 0.48
N THR D 97 -51.26 -1.18 -0.08
CA THR D 97 -51.83 -2.33 -0.76
C THR D 97 -51.25 -2.49 -2.16
N GLN D 98 -51.17 -1.39 -2.91
CA GLN D 98 -50.71 -1.43 -4.30
C GLN D 98 -49.23 -1.80 -4.46
N ASN D 99 -48.41 -1.47 -3.46
CA ASN D 99 -46.98 -1.73 -3.54
C ASN D 99 -46.51 -2.97 -2.75
N GLY D 100 -47.47 -3.76 -2.24
CA GLY D 100 -47.25 -5.10 -1.67
C GLY D 100 -46.76 -5.14 -0.23
N ILE D 101 -46.68 -3.98 0.40
CA ILE D 101 -46.03 -3.87 1.69
C ILE D 101 -46.90 -4.30 2.85
N LEU D 102 -48.17 -3.94 2.84
CA LEU D 102 -49.13 -4.51 3.78
C LEU D 102 -49.12 -6.05 3.72
N HIS D 103 -49.15 -6.62 2.52
CA HIS D 103 -49.03 -8.06 2.37
C HIS D 103 -47.75 -8.57 3.01
N MET D 104 -46.63 -7.90 2.75
CA MET D 104 -45.31 -8.35 3.21
C MET D 104 -45.14 -8.29 4.75
N LEU D 105 -45.70 -7.24 5.34
CA LEU D 105 -45.71 -7.08 6.80
C LEU D 105 -46.58 -8.15 7.49
N ASP D 106 -47.72 -8.44 6.87
CA ASP D 106 -48.63 -9.45 7.40
C ASP D 106 -47.98 -10.82 7.34
N ARG D 107 -47.22 -11.07 6.26
CA ARG D 107 -46.46 -12.32 6.12
C ARG D 107 -45.38 -12.40 7.21
N ASN D 108 -44.63 -11.31 7.37
CA ASN D 108 -43.63 -11.17 8.44
C ASN D 108 -44.14 -11.42 9.85
N LYS D 109 -45.29 -10.85 10.16
CA LYS D 109 -45.97 -10.97 11.45
C LYS D 109 -46.19 -12.46 11.80
N ARG D 110 -46.50 -13.28 10.78
CA ARG D 110 -46.81 -14.69 10.98
C ARG D 110 -45.56 -15.49 11.31
N ILE D 111 -44.40 -14.98 10.94
CA ILE D 111 -43.11 -15.58 11.32
C ILE D 111 -42.63 -15.20 12.75
N LYS D 112 -42.76 -13.92 13.12
CA LYS D 112 -41.94 -13.34 14.19
C LYS D 112 -42.64 -12.07 14.67
N PRO D 113 -42.44 -11.69 15.94
CA PRO D 113 -43.13 -10.44 16.31
C PRO D 113 -42.49 -9.19 15.67
N ARG D 114 -41.17 -9.20 15.60
CA ARG D 114 -40.45 -8.00 15.35
C ARG D 114 -39.19 -8.26 14.50
N PRO D 115 -38.79 -7.27 13.71
CA PRO D 115 -37.50 -7.37 13.03
C PRO D 115 -36.36 -7.40 14.08
N GLU D 116 -35.23 -7.99 13.73
CA GLU D 116 -34.12 -8.19 14.66
C GLU D 116 -32.81 -7.68 14.10
N ARG D 117 -32.13 -6.89 14.91
CA ARG D 117 -30.83 -6.33 14.50
C ARG D 117 -29.68 -7.30 14.76
N PHE D 118 -28.97 -7.71 13.72
CA PHE D 118 -27.84 -8.65 13.86
C PHE D 118 -26.89 -8.29 15.01
N GLN D 119 -26.48 -7.02 15.06
CA GLN D 119 -25.47 -6.52 16.00
C GLN D 119 -25.94 -6.55 17.46
N ASN D 120 -27.23 -6.85 17.68
CA ASN D 120 -27.79 -6.88 19.03
C ASN D 120 -28.00 -8.30 19.53
N CYS D 121 -27.74 -9.31 18.69
CA CYS D 121 -27.98 -10.71 19.08
C CYS D 121 -26.67 -11.45 19.31
N LYS D 122 -26.69 -12.47 20.16
CA LYS D 122 -25.47 -13.27 20.43
C LYS D 122 -25.77 -14.78 20.31
N ASP D 123 -26.39 -15.14 19.20
CA ASP D 123 -26.69 -16.51 18.92
C ASP D 123 -25.59 -17.16 18.04
N LEU D 124 -25.49 -18.50 18.06
CA LEU D 124 -24.47 -19.18 17.29
C LEU D 124 -25.03 -19.91 16.08
N PHE D 125 -24.34 -19.80 14.95
CA PHE D 125 -24.76 -20.43 13.70
C PHE D 125 -23.64 -21.21 13.08
N ASP D 126 -23.99 -22.08 12.14
CA ASP D 126 -23.03 -22.82 11.38
C ASP D 126 -22.75 -22.04 10.13
N LEU D 127 -23.74 -21.30 9.68
CA LEU D 127 -23.75 -20.71 8.37
C LEU D 127 -24.58 -19.44 8.39
N ILE D 128 -23.96 -18.33 8.01
CA ILE D 128 -24.62 -17.02 7.93
C ILE D 128 -24.61 -16.59 6.47
N LEU D 129 -25.80 -16.47 5.88
CA LEU D 129 -25.94 -15.94 4.52
C LEU D 129 -26.45 -14.53 4.55
N THR D 130 -25.77 -13.68 3.78
CA THR D 130 -26.10 -12.30 3.68
C THR D 130 -26.64 -12.02 2.26
N CYS D 131 -27.45 -10.97 2.14
CA CYS D 131 -28.23 -10.72 0.93
C CYS D 131 -27.67 -9.67 -0.01
N GLU D 132 -26.56 -9.04 0.40
CA GLU D 132 -25.77 -8.16 -0.48
C GLU D 132 -24.41 -7.86 0.15
N GLU D 133 -23.52 -7.30 -0.65
CA GLU D 133 -22.16 -7.03 -0.17
C GLU D 133 -22.05 -6.06 1.01
N ARG D 134 -22.86 -4.99 1.02
CA ARG D 134 -22.78 -4.11 2.20
C ARG D 134 -23.20 -4.83 3.50
N VAL D 135 -24.17 -5.75 3.40
CA VAL D 135 -24.61 -6.54 4.55
C VAL D 135 -23.51 -7.51 5.00
N TYR D 136 -22.91 -8.19 4.05
CA TYR D 136 -21.74 -9.06 4.31
C TYR D 136 -20.68 -8.30 5.10
N ASP D 137 -20.35 -7.09 4.65
CA ASP D 137 -19.30 -6.26 5.29
C ASP D 137 -19.73 -5.91 6.66
N GLN D 138 -21.03 -5.66 6.84
CA GLN D 138 -21.47 -5.21 8.16
C GLN D 138 -21.38 -6.38 9.12
N VAL D 139 -21.71 -7.57 8.63
CA VAL D 139 -21.66 -8.78 9.44
C VAL D 139 -20.22 -9.13 9.79
N VAL D 140 -19.33 -9.18 8.78
CA VAL D 140 -17.89 -9.51 8.99
C VAL D 140 -17.24 -8.53 9.97
N GLU D 141 -17.60 -7.26 9.85
CA GLU D 141 -17.01 -6.24 10.70
C GLU D 141 -17.56 -6.35 12.11
N ASP D 142 -18.84 -6.68 12.24
CA ASP D 142 -19.40 -6.80 13.60
C ASP D 142 -18.80 -8.01 14.36
N LEU D 143 -18.79 -9.20 13.75
CA LEU D 143 -18.19 -10.40 14.36
C LEU D 143 -16.69 -10.24 14.59
N ASN D 144 -16.00 -9.63 13.63
CA ASN D 144 -14.56 -9.50 13.78
C ASN D 144 -14.24 -8.54 14.93
N SER D 145 -15.23 -7.78 15.41
CA SER D 145 -14.94 -6.90 16.55
C SER D 145 -15.43 -7.42 17.94
N ARG D 146 -16.21 -8.49 17.95
CA ARG D 146 -16.51 -9.14 19.21
C ARG D 146 -15.29 -9.94 19.62
N GLU D 147 -14.97 -9.94 20.91
CA GLU D 147 -13.87 -10.75 21.40
C GLU D 147 -14.20 -12.22 21.26
N GLN D 148 -13.25 -12.97 20.73
CA GLN D 148 -13.41 -14.40 20.58
C GLN D 148 -13.35 -15.12 21.93
N GLU D 149 -14.20 -16.12 22.13
CA GLU D 149 -14.18 -16.85 23.39
C GLU D 149 -13.74 -18.28 23.16
N THR D 150 -14.08 -18.79 22.02
CA THR D 150 -14.13 -20.20 21.78
C THR D 150 -13.29 -20.49 20.55
N CYS D 151 -13.17 -19.48 19.69
CA CYS D 151 -12.50 -19.64 18.41
C CYS D 151 -13.24 -20.59 17.47
N GLN D 152 -14.50 -20.88 17.75
CA GLN D 152 -15.26 -21.67 16.82
C GLN D 152 -15.56 -20.89 15.55
N PRO D 153 -15.26 -21.45 14.37
CA PRO D 153 -15.57 -20.71 13.15
C PRO D 153 -17.03 -20.67 12.83
N VAL D 154 -17.47 -19.58 12.19
CA VAL D 154 -18.75 -19.57 11.51
C VAL D 154 -18.52 -19.15 10.07
N HIS D 155 -19.14 -19.86 9.15
CA HIS D 155 -19.01 -19.52 7.77
C HIS D 155 -20.00 -18.44 7.30
N VAL D 156 -19.46 -17.44 6.60
CA VAL D 156 -20.25 -16.36 6.09
C VAL D 156 -20.19 -16.39 4.56
N VAL D 157 -21.37 -16.46 3.95
CA VAL D 157 -21.49 -16.55 2.50
C VAL D 157 -22.44 -15.47 2.01
N ASN D 158 -22.05 -14.77 0.95
CA ASN D 158 -22.87 -13.70 0.43
C ASN D 158 -23.47 -14.08 -0.88
N VAL D 159 -24.74 -13.74 -1.06
CA VAL D 159 -25.41 -13.80 -2.35
C VAL D 159 -26.00 -12.44 -2.65
N ASP D 160 -25.69 -11.83 -3.79
CA ASP D 160 -26.26 -10.51 -4.07
C ASP D 160 -27.70 -10.70 -4.54
N ILE D 161 -28.63 -10.17 -3.78
CA ILE D 161 -30.03 -10.22 -4.13
C ILE D 161 -30.56 -8.77 -4.24
N GLN D 162 -31.18 -8.44 -5.38
CA GLN D 162 -31.76 -7.10 -5.57
C GLN D 162 -33.00 -6.90 -4.72
N ASP D 163 -33.22 -5.64 -4.31
CA ASP D 163 -34.28 -5.34 -3.38
C ASP D 163 -35.65 -5.04 -4.04
N ASN D 164 -36.29 -6.09 -4.54
CA ASN D 164 -37.71 -6.07 -4.87
C ASN D 164 -38.28 -7.45 -4.47
N HIS D 165 -39.60 -7.66 -4.53
CA HIS D 165 -40.22 -8.94 -4.06
C HIS D 165 -39.86 -10.19 -4.87
N GLU D 166 -39.74 -10.04 -6.19
CA GLU D 166 -39.46 -11.13 -7.11
C GLU D 166 -38.07 -11.63 -6.97
N GLU D 167 -37.10 -10.72 -6.94
CA GLU D 167 -35.73 -11.12 -6.76
C GLU D 167 -35.53 -11.67 -5.36
N ALA D 168 -36.25 -11.15 -4.37
CA ALA D 168 -36.20 -11.75 -3.05
C ALA D 168 -36.71 -13.20 -3.05
N THR D 169 -37.77 -13.50 -3.80
CA THR D 169 -38.24 -14.88 -3.94
C THR D 169 -37.23 -15.79 -4.64
N LEU D 170 -36.70 -15.34 -5.79
CA LEU D 170 -35.66 -16.07 -6.50
C LEU D 170 -34.45 -16.38 -5.64
N GLY D 171 -33.86 -15.34 -5.05
CA GLY D 171 -32.76 -15.54 -4.07
C GLY D 171 -33.09 -16.44 -2.87
N ALA D 172 -34.29 -16.37 -2.33
CA ALA D 172 -34.70 -17.27 -1.25
C ALA D 172 -34.62 -18.75 -1.69
N PHE D 173 -35.13 -19.06 -2.88
CA PHE D 173 -35.09 -20.40 -3.39
C PHE D 173 -33.67 -20.83 -3.73
N LEU D 174 -32.86 -19.86 -4.11
CA LEU D 174 -31.46 -20.07 -4.38
C LEU D 174 -30.71 -20.39 -3.09
N ILE D 175 -30.96 -19.60 -2.05
CA ILE D 175 -30.38 -19.84 -0.73
C ILE D 175 -30.80 -21.24 -0.23
N CYS D 176 -32.06 -21.56 -0.43
CA CYS D 176 -32.59 -22.83 -0.03
C CYS D 176 -31.86 -23.98 -0.75
N GLU D 177 -31.71 -23.88 -2.07
CA GLU D 177 -30.98 -24.91 -2.84
C GLU D 177 -29.53 -25.08 -2.30
N LEU D 178 -28.92 -23.96 -1.93
CA LEU D 178 -27.57 -23.93 -1.43
C LEU D 178 -27.39 -24.62 -0.10
N CYS D 179 -28.21 -24.25 0.87
CA CYS D 179 -28.24 -24.87 2.19
C CYS D 179 -28.52 -26.33 2.11
N GLN D 180 -29.50 -26.71 1.31
CA GLN D 180 -29.80 -28.14 1.14
C GLN D 180 -28.59 -28.91 0.59
N CYS D 181 -27.88 -28.28 -0.33
CA CYS D 181 -26.73 -28.87 -0.96
C CYS D 181 -25.59 -29.07 0.04
N ILE D 182 -25.34 -28.06 0.88
CA ILE D 182 -24.35 -28.15 1.94
C ILE D 182 -24.74 -29.16 3.02
N GLN D 183 -25.99 -29.20 3.42
CA GLN D 183 -26.39 -30.24 4.34
C GLN D 183 -26.21 -31.66 3.84
N HIS D 184 -26.13 -31.85 2.52
CA HIS D 184 -25.94 -33.21 2.03
C HIS D 184 -24.50 -33.65 1.94
N THR D 185 -23.54 -32.78 2.19
CA THR D 185 -22.11 -33.21 2.10
C THR D 185 -21.66 -33.80 3.41
N GLU D 186 -20.75 -34.77 3.35
CA GLU D 186 -20.27 -35.45 4.56
C GLU D 186 -19.44 -34.53 5.47
N ASP D 187 -18.79 -33.53 4.89
CA ASP D 187 -17.85 -32.74 5.63
C ASP D 187 -17.95 -31.33 5.12
N MET D 188 -18.82 -30.56 5.75
CA MET D 188 -19.09 -29.21 5.38
C MET D 188 -17.82 -28.35 5.13
N GLU D 189 -16.91 -28.27 6.11
CA GLU D 189 -15.84 -27.29 6.03
C GLU D 189 -14.87 -27.67 4.90
N ASN D 190 -14.76 -28.97 4.62
CA ASN D 190 -13.83 -29.42 3.57
C ASN D 190 -14.41 -29.27 2.15
N GLU D 191 -15.72 -29.11 2.05
CA GLU D 191 -16.33 -29.22 0.73
C GLU D 191 -17.01 -27.93 0.31
N ILE D 192 -17.35 -27.07 1.27
CA ILE D 192 -18.18 -25.89 0.97
C ILE D 192 -17.66 -25.03 -0.19
N ASP D 193 -16.37 -24.78 -0.24
CA ASP D 193 -15.81 -24.03 -1.35
C ASP D 193 -15.98 -24.67 -2.72
N GLU D 194 -15.77 -25.98 -2.83
CA GLU D 194 -16.00 -26.65 -4.10
C GLU D 194 -17.47 -26.56 -4.50
N LEU D 195 -18.35 -26.61 -3.51
CA LEU D 195 -19.79 -26.50 -3.76
C LEU D 195 -20.16 -25.07 -4.14
N LEU D 196 -19.52 -24.08 -3.52
CA LEU D 196 -19.74 -22.71 -3.96
C LEU D 196 -19.30 -22.51 -5.40
N GLN D 197 -18.16 -23.08 -5.74
CA GLN D 197 -17.66 -22.95 -7.10
C GLN D 197 -18.63 -23.57 -8.09
N GLU D 198 -19.09 -24.80 -7.80
CA GLU D 198 -20.08 -25.51 -8.64
C GLU D 198 -21.34 -24.67 -8.82
N PHE D 199 -21.79 -24.07 -7.74
CA PHE D 199 -22.99 -23.27 -7.73
C PHE D 199 -22.82 -21.92 -8.46
N GLU D 200 -21.63 -21.32 -8.38
CA GLU D 200 -21.33 -20.10 -9.15
C GLU D 200 -21.41 -20.42 -10.63
N GLU D 201 -20.76 -21.51 -11.05
CA GLU D 201 -20.77 -21.91 -12.44
C GLU D 201 -22.17 -22.22 -13.00
N LYS D 202 -23.03 -22.85 -12.19
CA LYS D 202 -24.39 -23.20 -12.61
C LYS D 202 -25.30 -21.98 -12.68
N SER D 203 -25.09 -21.02 -11.80
CA SER D 203 -26.05 -19.94 -11.63
C SER D 203 -25.55 -18.62 -12.21
N GLY D 204 -24.29 -18.60 -12.62
CA GLY D 204 -23.63 -17.38 -13.07
C GLY D 204 -23.58 -16.29 -12.02
N ARG D 205 -23.84 -16.63 -10.76
CA ARG D 205 -23.82 -15.62 -9.67
C ARG D 205 -22.56 -15.83 -8.84
N THR D 206 -22.05 -14.78 -8.19
CA THR D 206 -20.83 -14.91 -7.44
C THR D 206 -21.12 -14.99 -5.94
N PHE D 207 -20.38 -15.84 -5.22
CA PHE D 207 -20.57 -16.04 -3.78
C PHE D 207 -19.31 -15.77 -2.95
N LEU D 208 -19.28 -14.65 -2.23
CA LEU D 208 -18.18 -14.42 -1.34
C LEU D 208 -18.31 -15.34 -0.15
N HIS D 209 -17.18 -15.79 0.35
CA HIS D 209 -17.15 -16.76 1.41
C HIS D 209 -15.96 -16.44 2.34
N THR D 210 -16.25 -16.28 3.63
CA THR D 210 -15.21 -16.11 4.65
C THR D 210 -15.64 -16.83 5.93
N VAL D 211 -14.79 -16.82 6.93
CA VAL D 211 -15.19 -17.33 8.23
C VAL D 211 -14.90 -16.24 9.25
N CYS D 212 -15.73 -16.22 10.28
CA CYS D 212 -15.50 -15.45 11.48
C CYS D 212 -15.43 -16.43 12.67
N PHE D 213 -15.14 -15.90 13.86
CA PHE D 213 -14.90 -16.75 14.99
C PHE D 213 -15.62 -16.26 16.24
N TYR D 214 -16.28 -17.22 16.90
CA TYR D 214 -16.86 -17.05 18.19
C TYR D 214 -15.81 -17.18 19.28
N PRO E 1 -32.17 4.16 1.41
CA PRO E 1 -31.87 2.74 1.08
C PRO E 1 -32.87 1.77 1.76
N THR E 2 -34.01 1.55 1.14
CA THR E 2 -35.10 0.86 1.84
C THR E 2 -35.22 -0.59 1.43
N PRO E 4 -38.23 -3.24 0.73
CA PRO E 4 -37.61 -3.14 -0.58
C PRO E 4 -37.46 -1.70 -1.06
N SER E 5 -36.89 -1.54 -2.26
CA SER E 5 -36.66 -0.24 -2.92
C SER E 5 -37.98 0.44 -3.20
N TYR E 6 -37.95 1.76 -3.28
CA TYR E 6 -39.08 2.52 -3.79
C TYR E 6 -39.53 2.04 -5.19
#